data_5I2Z
#
_entry.id   5I2Z
#
_cell.length_a   63.990
_cell.length_b   63.120
_cell.length_c   78.750
_cell.angle_alpha   90.00
_cell.angle_beta   102.37
_cell.angle_gamma   90.00
#
_symmetry.space_group_name_H-M   'P 1 21 1'
#
loop_
_entity.id
_entity.type
_entity.pdbx_description
1 polymer 'Macrophage metalloelastase'
2 non-polymer "N-[([1,1'-biphenyl]-4-yl)sulfonyl]-N-({1-[3,4,6-tri-O-acetyl-2-(acetylamino)-2-deoxy-beta-D-glucopyranosyl]-1H-1,2,3-triazol-4-yl}methyl)-D-valine"
3 non-polymer 'ZINC ION'
4 non-polymer 'CALCIUM ION'
5 non-polymer S-1,2-PROPANEDIOL
6 non-polymer 1,2-ETHANEDIOL
7 non-polymer 'DIMETHYL SULFOXIDE'
8 water water
#
_entity_poly.entity_id   1
_entity_poly.type   'polypeptide(L)'
_entity_poly.pdbx_seq_one_letter_code
;MGPVWRKHYITYRINNYTPDMNREDVDYAIRKAFQVWSNVTPLKFSKINTGMADILVVFARGAHGDDHAFDGKGGILAHA
FGPGSGIGGDAHFDEDEFWTTHSGGTNLFLTAVHQIGHSLGLGHSSDPKAVMFPTYKYVDINTFRLSADDIRGIQSLYG
;
_entity_poly.pdbx_strand_id   A,B,C,D
#
loop_
_chem_comp.id
_chem_comp.type
_chem_comp.name
_chem_comp.formula
CA non-polymer 'CALCIUM ION' 'Ca 2'
DMS non-polymer 'DIMETHYL SULFOXIDE' 'C2 H6 O S'
EDO non-polymer 1,2-ETHANEDIOL 'C2 H6 O2'
PGO non-polymer S-1,2-PROPANEDIOL 'C3 H8 O2'
V24 non-polymer N-[([1,1'-biphenyl]-4-yl)sulfonyl]-N-({1-[3,4,6-tri-O-acetyl-2-(acetylamino)-2-deoxy-beta-D-glucopyranosyl]-1H-1,2,3-triazol-4-yl}methyl)-D-valine 'C34 H41 N5 O12 S'
ZN non-polymer 'ZINC ION' 'Zn 2'
#
# COMPACT_ATOMS: atom_id res chain seq x y z
N PRO A 3 -12.83 37.44 -5.25
CA PRO A 3 -11.96 38.12 -6.20
C PRO A 3 -11.81 37.38 -7.53
N VAL A 4 -11.46 38.11 -8.57
CA VAL A 4 -11.26 37.56 -9.91
C VAL A 4 -9.87 37.89 -10.42
N TRP A 5 -9.49 37.34 -11.57
CA TRP A 5 -8.27 37.79 -12.24
C TRP A 5 -8.45 39.21 -12.77
N ARG A 6 -7.42 40.03 -12.67
CA ARG A 6 -7.50 41.43 -13.12
C ARG A 6 -6.96 41.59 -14.53
N LYS A 7 -6.93 40.49 -15.27
CA LYS A 7 -6.35 40.48 -16.61
C LYS A 7 -7.22 39.60 -17.50
N HIS A 8 -7.13 39.77 -18.82
CA HIS A 8 -7.84 38.93 -19.79
C HIS A 8 -6.92 37.87 -20.37
N TYR A 9 -5.63 38.15 -20.32
CA TYR A 9 -4.68 37.12 -20.68
C TYR A 9 -4.22 36.38 -19.45
N ILE A 10 -4.52 35.09 -19.45
CA ILE A 10 -4.19 34.23 -18.35
C ILE A 10 -3.43 33.03 -18.88
N THR A 11 -2.31 32.72 -18.23
CA THR A 11 -1.46 31.63 -18.65
C THR A 11 -1.61 30.40 -17.77
N TYR A 12 -1.59 29.23 -18.40
CA TYR A 12 -1.50 28.00 -17.64
C TYR A 12 -0.33 27.16 -18.10
N ARG A 13 0.00 26.15 -17.28
CA ARG A 13 1.13 25.28 -17.56
C ARG A 13 0.86 23.92 -16.96
N ILE A 14 1.07 22.88 -17.73
CA ILE A 14 0.95 21.53 -17.22
C ILE A 14 2.27 21.17 -16.54
N ASN A 15 2.23 21.12 -15.21
CA ASN A 15 3.42 20.84 -14.40
C ASN A 15 4.01 19.47 -14.61
N ASN A 16 3.12 18.50 -14.78
CA ASN A 16 3.46 17.09 -15.02
C ASN A 16 2.30 16.33 -15.69
N TYR A 17 2.54 15.13 -16.17
CA TYR A 17 1.49 14.38 -16.85
C TYR A 17 1.12 13.07 -16.15
N THR A 18 -0.15 12.73 -16.20
CA THR A 18 -0.68 11.48 -15.67
C THR A 18 -0.27 10.35 -16.60
N PRO A 19 0.12 9.21 -16.03
CA PRO A 19 0.42 8.05 -16.87
C PRO A 19 -0.85 7.41 -17.44
N ASP A 20 -2.04 7.77 -16.95
CA ASP A 20 -3.32 7.15 -17.35
C ASP A 20 -3.74 7.37 -18.81
N MET A 21 -3.37 8.53 -19.34
CA MET A 21 -3.77 8.90 -20.70
C MET A 21 -2.57 9.30 -21.48
N ASN A 22 -2.70 9.25 -22.81
N ASN A 22 -2.68 9.23 -22.81
CA ASN A 22 -1.66 9.79 -23.66
CA ASN A 22 -1.60 9.77 -23.61
C ASN A 22 -1.57 11.30 -23.44
C ASN A 22 -1.55 11.28 -23.43
N ARG A 23 -0.39 11.87 -23.67
CA ARG A 23 -0.16 13.29 -23.42
C ARG A 23 -0.98 14.19 -24.32
N GLU A 24 -1.14 13.76 -25.56
CA GLU A 24 -1.86 14.53 -26.56
C GLU A 24 -3.31 14.73 -26.10
N ASP A 25 -3.86 13.68 -25.49
CA ASP A 25 -5.20 13.69 -24.98
C ASP A 25 -5.34 14.59 -23.73
N VAL A 26 -4.35 14.53 -22.85
CA VAL A 26 -4.34 15.39 -21.67
C VAL A 26 -4.31 16.84 -22.12
N ASP A 27 -3.37 17.16 -23.02
CA ASP A 27 -3.23 18.50 -23.60
C ASP A 27 -4.51 18.97 -24.29
N TYR A 28 -5.18 18.06 -24.98
CA TYR A 28 -6.40 18.43 -25.67
C TYR A 28 -7.53 18.72 -24.65
N ALA A 29 -7.63 17.93 -23.60
CA ALA A 29 -8.68 18.12 -22.60
C ALA A 29 -8.49 19.39 -21.76
N ILE A 30 -7.24 19.76 -21.48
CA ILE A 30 -7.02 20.97 -20.71
C ILE A 30 -7.34 22.19 -21.57
N ARG A 31 -6.80 22.19 -22.78
CA ARG A 31 -7.00 23.28 -23.73
C ARG A 31 -8.48 23.43 -24.11
N LYS A 32 -9.14 22.33 -24.48
CA LYS A 32 -10.59 22.38 -24.72
C LYS A 32 -11.42 22.85 -23.49
N ALA A 33 -11.02 22.46 -22.29
CA ALA A 33 -11.76 22.84 -21.09
C ALA A 33 -11.66 24.36 -20.82
N PHE A 34 -10.50 24.95 -21.12
CA PHE A 34 -10.34 26.41 -21.09
C PHE A 34 -11.21 27.08 -22.15
N GLN A 35 -11.28 26.47 -23.32
CA GLN A 35 -12.09 26.99 -24.41
C GLN A 35 -13.52 27.21 -23.97
N VAL A 36 -14.03 26.26 -23.19
CA VAL A 36 -15.39 26.32 -22.73
C VAL A 36 -15.62 27.66 -22.04
N TRP A 37 -14.68 28.06 -21.18
CA TRP A 37 -14.80 29.32 -20.46
C TRP A 37 -14.42 30.52 -21.35
N SER A 38 -13.51 30.27 -22.27
CA SER A 38 -13.02 31.28 -23.19
C SER A 38 -14.11 31.68 -24.20
N ASN A 39 -14.93 30.72 -24.60
CA ASN A 39 -16.01 30.98 -25.55
C ASN A 39 -17.16 31.86 -25.04
N VAL A 40 -17.29 31.98 -23.72
CA VAL A 40 -18.42 32.76 -23.18
C VAL A 40 -17.91 33.89 -22.28
N THR A 41 -16.64 34.25 -22.43
CA THR A 41 -16.01 35.37 -21.71
C THR A 41 -15.05 36.17 -22.59
N PRO A 42 -14.58 37.33 -22.08
CA PRO A 42 -13.49 38.07 -22.71
C PRO A 42 -12.11 37.52 -22.40
N LEU A 43 -12.06 36.40 -21.68
CA LEU A 43 -10.77 35.85 -21.28
C LEU A 43 -10.06 35.11 -22.43
N LYS A 44 -8.73 35.22 -22.44
CA LYS A 44 -7.91 34.50 -23.41
C LYS A 44 -6.93 33.61 -22.65
N PHE A 45 -6.84 32.34 -23.06
CA PHE A 45 -6.01 31.42 -22.29
C PHE A 45 -4.86 30.88 -23.12
N SER A 46 -3.63 31.06 -22.65
CA SER A 46 -2.49 30.63 -23.45
C SER A 46 -1.58 29.66 -22.72
N LYS A 47 -1.24 28.57 -23.39
CA LYS A 47 -0.36 27.57 -22.81
C LYS A 47 1.10 27.97 -22.92
N ILE A 48 1.78 28.05 -21.79
CA ILE A 48 3.22 28.29 -21.77
C ILE A 48 3.99 27.07 -21.29
N ASN A 49 5.20 26.91 -21.82
CA ASN A 49 6.00 25.72 -21.59
C ASN A 49 7.22 26.01 -20.76
N THR A 50 7.29 27.25 -20.28
CA THR A 50 8.45 27.68 -19.50
C THR A 50 8.02 28.88 -18.68
N GLY A 51 8.76 29.22 -17.63
CA GLY A 51 8.37 30.33 -16.78
C GLY A 51 7.16 30.11 -15.90
N MET A 52 6.74 31.14 -15.15
CA MET A 52 5.68 30.97 -14.17
C MET A 52 4.27 31.30 -14.68
N ALA A 53 3.40 30.32 -14.66
CA ALA A 53 2.04 30.55 -15.15
C ALA A 53 1.12 30.97 -14.02
N ASP A 54 -0.02 31.53 -14.40
CA ASP A 54 -1.06 31.88 -13.44
C ASP A 54 -1.65 30.59 -12.88
N ILE A 55 -2.10 29.73 -13.77
CA ILE A 55 -2.72 28.47 -13.39
C ILE A 55 -1.80 27.25 -13.59
N LEU A 56 -1.26 26.71 -12.50
CA LEU A 56 -0.48 25.47 -12.62
C LEU A 56 -1.39 24.26 -12.57
N VAL A 57 -1.43 23.48 -13.66
CA VAL A 57 -2.13 22.18 -13.67
C VAL A 57 -1.20 21.09 -13.14
N VAL A 58 -1.59 20.44 -12.04
CA VAL A 58 -0.78 19.37 -11.43
C VAL A 58 -1.57 18.06 -11.32
N PHE A 59 -0.89 16.95 -11.61
CA PHE A 59 -1.43 15.66 -11.21
C PHE A 59 -0.59 15.20 -10.02
N ALA A 60 -1.28 14.85 -8.94
CA ALA A 60 -0.61 14.43 -7.73
C ALA A 60 -1.51 13.51 -6.89
N ARG A 61 -0.89 12.66 -6.08
CA ARG A 61 -1.62 11.82 -5.15
C ARG A 61 -1.24 12.13 -3.69
N GLY A 62 -2.18 11.83 -2.79
CA GLY A 62 -1.99 11.97 -1.35
C GLY A 62 -1.58 13.37 -0.97
N ALA A 63 -0.69 13.47 0.04
CA ALA A 63 -0.10 14.77 0.39
C ALA A 63 0.80 15.28 -0.74
N HIS A 64 0.62 16.54 -1.14
CA HIS A 64 1.46 17.13 -2.18
C HIS A 64 1.80 18.59 -1.89
N GLY A 65 1.90 18.94 -0.61
CA GLY A 65 2.49 20.19 -0.17
C GLY A 65 1.66 21.46 -0.26
N ASP A 66 0.34 21.35 -0.24
CA ASP A 66 -0.53 22.52 -0.16
C ASP A 66 -1.55 22.39 0.97
N ASP A 67 -1.30 21.45 1.90
CA ASP A 67 -2.14 21.30 3.08
C ASP A 67 -3.59 20.83 2.77
N HIS A 68 -3.75 20.21 1.61
CA HIS A 68 -5.02 19.57 1.23
C HIS A 68 -4.74 18.26 0.55
N ALA A 69 -4.30 17.27 1.32
CA ALA A 69 -3.86 16.00 0.76
C ALA A 69 -5.03 15.30 0.11
N PHE A 70 -4.78 14.66 -1.03
CA PHE A 70 -5.82 13.87 -1.68
C PHE A 70 -6.02 12.57 -0.88
N ASP A 71 -6.93 11.71 -1.32
CA ASP A 71 -7.48 10.67 -0.44
C ASP A 71 -7.49 9.25 -1.02
N GLY A 72 -6.69 9.00 -2.05
CA GLY A 72 -6.77 7.72 -2.74
C GLY A 72 -7.84 7.72 -3.83
N LYS A 73 -7.98 6.59 -4.51
CA LYS A 73 -8.99 6.48 -5.56
C LYS A 73 -10.39 6.79 -5.02
N GLY A 74 -11.17 7.52 -5.82
CA GLY A 74 -12.50 7.92 -5.41
C GLY A 74 -12.43 9.09 -4.46
N GLY A 75 -13.55 9.38 -3.81
CA GLY A 75 -13.60 10.46 -2.85
C GLY A 75 -13.36 11.81 -3.49
N ILE A 76 -12.25 12.45 -3.12
CA ILE A 76 -11.89 13.75 -3.67
C ILE A 76 -11.27 13.51 -5.04
N LEU A 77 -11.78 14.17 -6.07
CA LEU A 77 -11.25 13.91 -7.40
C LEU A 77 -10.23 14.95 -7.78
N ALA A 78 -10.46 16.16 -7.30
CA ALA A 78 -9.64 17.30 -7.68
C ALA A 78 -9.95 18.43 -6.76
N HIS A 79 -9.21 19.52 -6.94
CA HIS A 79 -9.57 20.75 -6.33
C HIS A 79 -8.70 21.81 -6.94
N ALA A 80 -9.10 23.04 -6.80
CA ALA A 80 -8.30 24.12 -7.31
C ALA A 80 -8.52 25.33 -6.44
N PHE A 81 -7.53 26.21 -6.44
CA PHE A 81 -7.56 27.41 -5.60
C PHE A 81 -8.13 28.57 -6.39
N GLY A 82 -8.75 29.51 -5.68
CA GLY A 82 -9.37 30.65 -6.33
C GLY A 82 -8.34 31.60 -6.89
N PRO A 83 -8.78 32.65 -7.62
CA PRO A 83 -7.80 33.52 -8.28
C PRO A 83 -6.86 34.20 -7.29
N GLY A 84 -5.58 34.29 -7.67
CA GLY A 84 -4.57 34.79 -6.76
C GLY A 84 -3.14 34.48 -7.17
N SER A 85 -2.22 35.06 -6.42
CA SER A 85 -0.81 34.86 -6.70
C SER A 85 -0.38 33.49 -6.20
N GLY A 86 0.78 33.04 -6.64
CA GLY A 86 1.31 31.78 -6.16
C GLY A 86 0.36 30.65 -6.45
N ILE A 87 -0.11 29.98 -5.41
CA ILE A 87 -0.92 28.79 -5.62
C ILE A 87 -2.35 29.12 -6.10
N GLY A 88 -2.78 30.37 -5.95
CA GLY A 88 -4.05 30.80 -6.50
C GLY A 88 -4.15 30.41 -7.97
N GLY A 89 -5.34 30.02 -8.41
CA GLY A 89 -5.55 29.61 -9.79
C GLY A 89 -5.21 28.15 -10.08
N ASP A 90 -4.18 27.61 -9.41
CA ASP A 90 -3.66 26.27 -9.68
C ASP A 90 -4.70 25.15 -9.58
N ALA A 91 -4.74 24.28 -10.58
CA ALA A 91 -5.68 23.17 -10.58
C ALA A 91 -4.97 21.83 -10.35
N HIS A 92 -5.45 21.06 -9.37
CA HIS A 92 -4.81 19.77 -9.06
C HIS A 92 -5.76 18.64 -9.30
N PHE A 93 -5.21 17.53 -9.80
CA PHE A 93 -6.02 16.37 -10.08
C PHE A 93 -5.41 15.16 -9.38
N ASP A 94 -6.28 14.35 -8.79
CA ASP A 94 -5.83 13.25 -7.95
C ASP A 94 -5.36 12.11 -8.84
N GLU A 95 -4.06 11.84 -8.77
CA GLU A 95 -3.43 10.91 -9.68
C GLU A 95 -3.75 9.48 -9.31
N ASP A 96 -4.34 9.28 -8.13
CA ASP A 96 -4.88 7.98 -7.78
C ASP A 96 -6.14 7.69 -8.59
N GLU A 97 -6.76 8.70 -9.19
CA GLU A 97 -7.90 8.40 -10.08
C GLU A 97 -7.40 7.90 -11.40
N PHE A 98 -8.28 7.27 -12.15
CA PHE A 98 -7.93 6.87 -13.49
C PHE A 98 -8.50 7.87 -14.49
N TRP A 99 -7.65 8.74 -15.00
CA TRP A 99 -8.13 9.80 -15.87
C TRP A 99 -8.37 9.26 -17.28
N THR A 100 -9.51 9.59 -17.88
CA THR A 100 -9.85 9.05 -19.20
C THR A 100 -10.28 10.14 -20.19
N THR A 101 -10.13 9.85 -21.49
CA THR A 101 -10.58 10.78 -22.51
C THR A 101 -12.10 10.83 -22.52
N HIS A 102 -12.74 9.68 -22.30
CA HIS A 102 -14.20 9.62 -22.29
C HIS A 102 -14.77 9.03 -21.02
N SER A 103 -15.19 7.77 -21.12
CA SER A 103 -15.88 7.11 -20.02
C SER A 103 -14.97 6.12 -19.29
N GLY A 104 -15.53 5.41 -18.32
CA GLY A 104 -14.80 4.31 -17.73
C GLY A 104 -13.58 4.73 -16.93
N GLY A 105 -13.55 6.00 -16.55
CA GLY A 105 -12.64 6.48 -15.55
C GLY A 105 -13.27 7.72 -14.96
N THR A 106 -12.44 8.63 -14.52
CA THR A 106 -12.90 9.95 -14.17
C THR A 106 -12.48 10.80 -15.37
N ASN A 107 -13.46 11.42 -16.01
CA ASN A 107 -13.20 12.15 -17.23
C ASN A 107 -12.45 13.46 -16.96
N LEU A 108 -11.32 13.68 -17.62
CA LEU A 108 -10.44 14.83 -17.35
C LEU A 108 -10.97 16.18 -17.84
N PHE A 109 -11.54 16.20 -19.05
CA PHE A 109 -12.13 17.40 -19.64
C PHE A 109 -13.17 18.01 -18.72
N LEU A 110 -14.16 17.20 -18.37
CA LEU A 110 -15.27 17.66 -17.54
C LEU A 110 -14.80 18.05 -16.14
N THR A 111 -13.88 17.26 -15.59
CA THR A 111 -13.35 17.61 -14.30
C THR A 111 -12.60 18.96 -14.43
N ALA A 112 -11.79 19.09 -15.48
CA ALA A 112 -10.99 20.28 -15.66
C ALA A 112 -11.86 21.51 -15.96
N VAL A 113 -12.98 21.35 -16.64
CA VAL A 113 -13.88 22.50 -16.85
C VAL A 113 -14.35 23.01 -15.50
N HIS A 114 -14.88 22.09 -14.72
CA HIS A 114 -15.31 22.38 -13.34
C HIS A 114 -14.19 23.06 -12.56
N GLN A 115 -12.99 22.47 -12.58
CA GLN A 115 -11.87 22.97 -11.77
C GLN A 115 -11.37 24.34 -12.23
N ILE A 116 -11.31 24.50 -13.54
CA ILE A 116 -10.93 25.78 -14.11
C ILE A 116 -11.94 26.81 -13.63
N GLY A 117 -13.20 26.41 -13.57
CA GLY A 117 -14.26 27.20 -13.00
C GLY A 117 -13.91 27.76 -11.62
N HIS A 118 -13.45 26.90 -10.71
CA HIS A 118 -13.01 27.40 -9.41
C HIS A 118 -11.75 28.27 -9.54
N SER A 119 -10.83 27.89 -10.44
CA SER A 119 -9.63 28.68 -10.69
C SER A 119 -9.99 30.11 -11.10
N LEU A 120 -11.13 30.25 -11.76
CA LEU A 120 -11.57 31.54 -12.26
C LEU A 120 -12.36 32.30 -11.22
N GLY A 121 -12.80 31.60 -10.17
CA GLY A 121 -13.51 32.26 -9.08
C GLY A 121 -14.93 31.79 -8.80
N LEU A 122 -15.46 30.92 -9.65
CA LEU A 122 -16.81 30.40 -9.43
C LEU A 122 -16.88 29.49 -8.21
N GLY A 123 -18.07 29.46 -7.62
CA GLY A 123 -18.40 28.49 -6.59
C GLY A 123 -19.36 27.47 -7.17
N HIS A 124 -20.14 26.80 -6.32
CA HIS A 124 -20.98 25.71 -6.79
C HIS A 124 -22.41 26.10 -7.21
N SER A 125 -22.97 25.29 -8.11
CA SER A 125 -24.31 25.51 -8.63
C SER A 125 -25.26 24.47 -8.08
N SER A 126 -26.57 24.75 -8.09
CA SER A 126 -27.56 23.78 -7.61
C SER A 126 -28.31 23.13 -8.77
N ASP A 127 -28.04 23.57 -10.00
CA ASP A 127 -28.54 22.88 -11.19
C ASP A 127 -27.63 21.69 -11.53
N PRO A 128 -28.17 20.46 -11.44
CA PRO A 128 -27.43 19.25 -11.83
C PRO A 128 -26.82 19.34 -13.23
N LYS A 129 -27.49 20.08 -14.11
CA LYS A 129 -26.98 20.31 -15.47
C LYS A 129 -25.79 21.29 -15.51
N ALA A 130 -25.60 22.08 -14.47
CA ALA A 130 -24.45 23.00 -14.41
C ALA A 130 -23.12 22.25 -14.28
N VAL A 131 -22.10 22.66 -15.01
CA VAL A 131 -20.82 21.98 -14.85
C VAL A 131 -20.25 22.28 -13.45
N MET A 132 -20.69 23.37 -12.84
CA MET A 132 -20.20 23.71 -11.48
C MET A 132 -21.01 23.05 -10.34
N PHE A 133 -21.99 22.21 -10.69
CA PHE A 133 -22.67 21.30 -9.77
C PHE A 133 -21.68 20.39 -9.02
N PRO A 134 -21.81 20.30 -7.68
CA PRO A 134 -20.85 19.69 -6.74
C PRO A 134 -20.41 18.25 -7.03
N THR A 135 -21.26 17.45 -7.66
CA THR A 135 -21.01 16.01 -7.81
C THR A 135 -20.55 15.68 -9.21
N TYR A 136 -19.45 14.95 -9.33
CA TYR A 136 -19.03 14.50 -10.64
C TYR A 136 -20.01 13.48 -11.19
N LYS A 137 -20.29 13.57 -12.50
CA LYS A 137 -21.09 12.60 -13.23
C LYS A 137 -20.79 12.67 -14.74
N TYR A 138 -20.58 11.53 -15.38
CA TYR A 138 -20.21 11.58 -16.79
C TYR A 138 -21.44 11.99 -17.57
N VAL A 139 -21.26 12.97 -18.44
CA VAL A 139 -22.31 13.42 -19.34
C VAL A 139 -21.75 13.29 -20.74
N ASP A 140 -22.63 13.16 -21.72
CA ASP A 140 -22.20 13.06 -23.13
C ASP A 140 -21.39 14.28 -23.54
N ILE A 141 -20.13 14.08 -23.90
CA ILE A 141 -19.29 15.21 -24.25
C ILE A 141 -19.70 15.72 -25.61
N ASN A 142 -20.23 14.84 -26.46
CA ASN A 142 -20.66 15.28 -27.76
C ASN A 142 -21.70 16.41 -27.62
N THR A 143 -22.59 16.29 -26.63
CA THR A 143 -23.56 17.36 -26.40
C THR A 143 -23.23 18.29 -25.25
N PHE A 144 -22.00 18.22 -24.72
CA PHE A 144 -21.69 19.06 -23.58
C PHE A 144 -21.87 20.55 -23.84
N ARG A 145 -22.46 21.24 -22.87
CA ARG A 145 -22.87 22.62 -23.02
C ARG A 145 -22.89 23.27 -21.62
N LEU A 146 -22.39 24.49 -21.49
CA LEU A 146 -22.52 25.21 -20.21
C LEU A 146 -23.98 25.52 -19.87
N SER A 147 -24.34 25.38 -18.60
CA SER A 147 -25.65 25.82 -18.13
C SER A 147 -25.77 27.34 -18.10
N ALA A 148 -27.00 27.84 -18.06
CA ALA A 148 -27.26 29.26 -17.90
C ALA A 148 -26.72 29.70 -16.56
N ASP A 149 -26.76 28.80 -15.59
CA ASP A 149 -26.25 29.10 -14.28
C ASP A 149 -24.74 29.34 -14.34
N ASP A 150 -24.04 28.49 -15.09
CA ASP A 150 -22.59 28.63 -15.25
C ASP A 150 -22.25 29.90 -16.01
N ILE A 151 -23.03 30.21 -17.05
CA ILE A 151 -22.71 31.36 -17.89
C ILE A 151 -22.99 32.69 -17.14
N ARG A 152 -24.11 32.75 -16.42
CA ARG A 152 -24.45 33.92 -15.62
C ARG A 152 -23.38 34.18 -14.57
N GLY A 153 -22.88 33.09 -14.01
CA GLY A 153 -21.85 33.17 -12.99
C GLY A 153 -20.55 33.68 -13.55
N ILE A 154 -20.05 33.07 -14.62
CA ILE A 154 -18.73 33.45 -15.11
C ILE A 154 -18.80 34.90 -15.61
N GLN A 155 -19.91 35.25 -16.28
CA GLN A 155 -20.07 36.61 -16.80
C GLN A 155 -20.29 37.63 -15.66
N SER A 156 -20.86 37.18 -14.56
CA SER A 156 -21.00 38.02 -13.37
C SER A 156 -19.62 38.42 -12.87
N LEU A 157 -18.64 37.58 -13.15
CA LEU A 157 -17.30 37.88 -12.69
C LEU A 157 -16.49 38.62 -13.75
N TYR A 158 -16.57 38.18 -15.00
CA TYR A 158 -15.70 38.73 -16.02
C TYR A 158 -16.40 39.47 -17.16
N GLY A 159 -17.73 39.52 -17.14
CA GLY A 159 -18.44 40.09 -18.27
C GLY A 159 -18.38 39.10 -19.41
N PRO B 3 -6.59 -8.22 22.61
CA PRO B 3 -7.12 -9.03 21.51
C PRO B 3 -7.03 -8.31 20.19
N VAL B 4 -7.51 -8.99 19.14
CA VAL B 4 -7.54 -8.46 17.79
C VAL B 4 -8.97 -8.62 17.24
N TRP B 5 -9.33 -7.78 16.27
CA TRP B 5 -10.56 -8.04 15.52
C TRP B 5 -10.32 -9.27 14.67
N ARG B 6 -11.27 -10.17 14.66
CA ARG B 6 -11.03 -11.47 14.07
C ARG B 6 -11.51 -11.51 12.63
N LYS B 7 -11.53 -10.35 11.99
CA LYS B 7 -12.04 -10.22 10.62
C LYS B 7 -11.40 -8.97 10.03
N HIS B 8 -11.48 -8.79 8.72
CA HIS B 8 -10.75 -7.69 8.08
C HIS B 8 -11.68 -6.57 7.59
N TYR B 9 -12.96 -6.88 7.46
CA TYR B 9 -13.95 -5.86 7.12
C TYR B 9 -14.48 -5.24 8.40
N ILE B 10 -14.09 -4.01 8.67
CA ILE B 10 -14.42 -3.37 9.93
C ILE B 10 -15.27 -2.11 9.69
N THR B 11 -16.43 -2.04 10.32
CA THR B 11 -17.32 -0.88 10.21
C THR B 11 -17.10 0.21 11.25
N TYR B 12 -17.20 1.48 10.83
CA TYR B 12 -17.26 2.58 11.79
C TYR B 12 -18.46 3.49 11.56
N ARG B 13 -18.84 4.19 12.61
CA ARG B 13 -19.95 5.13 12.55
C ARG B 13 -19.67 6.38 13.36
N ILE B 14 -19.83 7.54 12.74
CA ILE B 14 -19.78 8.79 13.47
C ILE B 14 -21.10 8.96 14.20
N ASN B 15 -21.02 8.93 15.53
CA ASN B 15 -22.19 8.99 16.40
C ASN B 15 -22.74 10.40 16.49
N ASN B 16 -21.85 11.39 16.43
CA ASN B 16 -22.24 12.80 16.52
C ASN B 16 -21.07 13.69 16.13
N TYR B 17 -21.34 14.95 15.79
CA TYR B 17 -20.26 15.83 15.31
C TYR B 17 -19.84 16.92 16.31
N THR B 18 -18.55 17.27 16.36
CA THR B 18 -18.13 18.44 17.12
C THR B 18 -18.63 19.66 16.37
N PRO B 19 -19.02 20.71 17.11
CA PRO B 19 -19.32 21.96 16.40
C PRO B 19 -18.05 22.76 16.07
N ASP B 20 -16.86 22.22 16.33
CA ASP B 20 -15.62 22.99 16.07
C ASP B 20 -15.27 23.07 14.59
N MET B 21 -15.58 22.00 13.86
CA MET B 21 -15.23 21.89 12.45
C MET B 21 -16.51 21.64 11.67
N ASN B 22 -16.57 22.05 10.41
CA ASN B 22 -17.75 21.66 9.63
C ASN B 22 -17.70 20.17 9.38
N ARG B 23 -18.85 19.58 9.10
CA ARG B 23 -18.96 18.13 9.01
C ARG B 23 -18.01 17.52 8.00
N GLU B 24 -17.81 18.21 6.88
CA GLU B 24 -16.87 17.75 5.86
C GLU B 24 -15.52 17.46 6.48
N ASP B 25 -14.95 18.44 7.16
CA ASP B 25 -13.63 18.28 7.73
C ASP B 25 -13.65 17.13 8.73
N VAL B 26 -14.72 17.00 9.55
CA VAL B 26 -14.76 15.88 10.47
C VAL B 26 -14.69 14.54 9.72
N ASP B 27 -15.54 14.35 8.71
CA ASP B 27 -15.62 13.04 8.03
C ASP B 27 -14.28 12.68 7.42
N TYR B 28 -13.66 13.68 6.80
CA TYR B 28 -12.44 13.50 6.07
C TYR B 28 -11.32 13.09 7.02
N ALA B 29 -11.15 13.85 8.11
CA ALA B 29 -10.09 13.56 9.06
C ALA B 29 -10.14 12.10 9.51
N ILE B 30 -11.31 11.61 9.91
CA ILE B 30 -11.39 10.24 10.41
C ILE B 30 -11.33 9.20 9.27
N ARG B 31 -11.92 9.50 8.11
CA ARG B 31 -11.73 8.59 6.99
C ARG B 31 -10.24 8.36 6.71
N LYS B 32 -9.51 9.46 6.51
CA LYS B 32 -8.07 9.42 6.26
C LYS B 32 -7.32 8.71 7.40
N ALA B 33 -7.82 8.90 8.61
CA ALA B 33 -7.22 8.27 9.78
C ALA B 33 -7.29 6.76 9.67
N PHE B 34 -8.45 6.26 9.22
CA PHE B 34 -8.63 4.84 8.98
C PHE B 34 -7.71 4.43 7.84
N GLN B 35 -7.65 5.23 6.77
CA GLN B 35 -6.82 4.92 5.60
C GLN B 35 -5.34 4.67 5.95
N VAL B 36 -4.81 5.50 6.85
CA VAL B 36 -3.46 5.33 7.39
C VAL B 36 -3.18 3.89 7.82
N TRP B 37 -4.07 3.32 8.63
CA TRP B 37 -3.90 1.95 9.10
C TRP B 37 -4.15 0.91 8.01
N SER B 38 -5.18 1.14 7.20
CA SER B 38 -5.48 0.22 6.12
C SER B 38 -4.33 0.11 5.12
N ASN B 39 -3.62 1.21 4.88
CA ASN B 39 -2.56 1.20 3.87
C ASN B 39 -1.43 0.20 4.16
N VAL B 40 -1.23 -0.14 5.43
CA VAL B 40 -0.14 -1.03 5.82
C VAL B 40 -0.64 -2.37 6.36
N THR B 41 -1.96 -2.53 6.37
CA THR B 41 -2.63 -3.77 6.81
C THR B 41 -3.58 -4.31 5.75
N PRO B 42 -4.11 -5.53 5.97
CA PRO B 42 -5.22 -5.98 5.10
C PRO B 42 -6.60 -5.53 5.59
N LEU B 43 -6.66 -4.59 6.53
CA LEU B 43 -7.93 -4.21 7.12
C LEU B 43 -8.76 -3.28 6.23
N LYS B 44 -10.05 -3.55 6.15
CA LYS B 44 -10.95 -2.73 5.33
C LYS B 44 -11.97 -2.05 6.22
N PHE B 45 -12.02 -0.73 6.11
CA PHE B 45 -12.90 0.08 6.96
C PHE B 45 -14.04 0.69 6.17
N SER B 46 -15.22 0.61 6.74
CA SER B 46 -16.41 1.05 6.04
C SER B 46 -17.06 2.04 6.98
N LYS B 47 -17.43 3.20 6.45
CA LYS B 47 -18.32 4.10 7.18
C LYS B 47 -19.73 3.62 6.89
N ILE B 48 -20.48 3.29 7.94
CA ILE B 48 -21.92 2.99 7.79
C ILE B 48 -22.76 4.04 8.47
N ASN B 49 -24.02 4.12 8.07
CA ASN B 49 -24.82 5.27 8.46
C ASN B 49 -26.07 4.86 9.20
N THR B 50 -26.23 3.55 9.31
CA THR B 50 -27.35 2.95 10.00
C THR B 50 -26.94 1.61 10.61
N GLY B 51 -27.44 1.33 11.81
CA GLY B 51 -27.10 0.09 12.48
C GLY B 51 -25.86 0.11 13.36
N MET B 52 -25.51 -1.05 13.90
CA MET B 52 -24.40 -1.08 14.82
C MET B 52 -23.07 -1.26 14.06
N ALA B 53 -22.15 -0.33 14.30
CA ALA B 53 -20.81 -0.40 13.73
C ALA B 53 -19.86 -1.05 14.73
N ASP B 54 -18.69 -1.47 14.25
CA ASP B 54 -17.69 -2.09 15.13
C ASP B 54 -17.06 -1.02 16.00
N ILE B 55 -16.68 0.09 15.35
CA ILE B 55 -16.04 1.23 16.00
C ILE B 55 -16.93 2.48 15.94
N LEU B 56 -17.45 2.90 17.09
CA LEU B 56 -18.26 4.11 17.15
C LEU B 56 -17.38 5.29 17.50
N VAL B 57 -17.49 6.35 16.71
CA VAL B 57 -16.71 7.54 16.98
C VAL B 57 -17.63 8.56 17.65
N VAL B 58 -17.28 8.93 18.86
CA VAL B 58 -18.13 9.81 19.66
C VAL B 58 -17.40 11.09 20.05
N PHE B 59 -18.11 12.20 20.02
CA PHE B 59 -17.62 13.43 20.65
C PHE B 59 -18.43 13.61 21.92
N ALA B 60 -17.74 13.72 23.06
CA ALA B 60 -18.44 13.77 24.34
C ALA B 60 -17.68 14.61 25.32
N ARG B 61 -18.46 15.21 26.22
CA ARG B 61 -18.07 16.22 27.20
C ARG B 61 -18.19 15.62 28.61
N GLY B 62 -17.13 15.69 29.41
CA GLY B 62 -17.12 15.07 30.75
C GLY B 62 -17.55 13.60 30.85
N ALA B 63 -18.42 13.32 31.82
CA ALA B 63 -19.04 11.98 31.98
C ALA B 63 -20.00 11.67 30.84
N HIS B 64 -19.77 10.54 30.18
CA HIS B 64 -20.61 10.20 29.02
C HIS B 64 -20.98 8.73 28.99
N GLY B 65 -21.03 8.10 30.15
CA GLY B 65 -21.63 6.81 30.28
C GLY B 65 -20.70 5.62 30.10
N ASP B 66 -19.40 5.82 30.24
CA ASP B 66 -18.48 4.69 30.07
C ASP B 66 -17.50 4.54 31.22
N ASP B 67 -17.83 5.18 32.36
CA ASP B 67 -16.98 5.15 33.54
C ASP B 67 -15.59 5.71 33.28
N HIS B 68 -15.41 6.44 32.17
CA HIS B 68 -14.15 7.15 31.97
C HIS B 68 -14.41 8.58 31.53
N ALA B 69 -14.79 9.41 32.51
CA ALA B 69 -15.23 10.78 32.27
C ALA B 69 -14.10 11.67 31.75
N PHE B 70 -14.43 12.64 30.91
CA PHE B 70 -13.40 13.56 30.43
C PHE B 70 -13.17 14.68 31.45
N ASP B 71 -12.17 15.53 31.21
CA ASP B 71 -11.65 16.40 32.26
C ASP B 71 -11.62 17.86 31.89
N GLY B 72 -12.48 18.23 30.94
CA GLY B 72 -12.50 19.60 30.43
C GLY B 72 -11.42 19.87 29.40
N LYS B 73 -11.13 21.15 29.14
CA LYS B 73 -10.16 21.49 28.11
C LYS B 73 -8.75 21.24 28.60
N GLY B 74 -7.92 20.71 27.70
CA GLY B 74 -6.61 20.25 28.08
C GLY B 74 -6.67 18.91 28.78
N GLY B 75 -5.50 18.31 29.02
CA GLY B 75 -5.41 17.04 29.70
C GLY B 75 -5.72 15.91 28.75
N ILE B 76 -6.59 15.01 29.17
CA ILE B 76 -6.97 13.90 28.32
C ILE B 76 -7.71 14.48 27.14
N LEU B 77 -7.27 14.12 25.95
CA LEU B 77 -7.83 14.65 24.73
C LEU B 77 -8.89 13.70 24.21
N ALA B 78 -8.68 12.41 24.46
CA ALA B 78 -9.50 11.35 23.85
C ALA B 78 -9.07 10.00 24.37
N HIS B 79 -9.93 9.00 24.21
CA HIS B 79 -9.52 7.65 24.50
C HIS B 79 -10.30 6.73 23.60
N ALA B 80 -9.75 5.54 23.38
CA ALA B 80 -10.42 4.48 22.65
C ALA B 80 -10.21 3.13 23.33
N PHE B 81 -11.22 2.27 23.21
CA PHE B 81 -11.23 0.92 23.79
C PHE B 81 -10.67 -0.16 22.82
N GLY B 82 -10.02 -1.20 23.34
CA GLY B 82 -9.46 -2.24 22.48
C GLY B 82 -10.55 -3.01 21.75
N PRO B 83 -10.18 -3.88 20.81
CA PRO B 83 -11.17 -4.68 20.09
C PRO B 83 -12.04 -5.52 21.04
N GLY B 84 -13.32 -5.59 20.72
CA GLY B 84 -14.33 -6.23 21.57
C GLY B 84 -15.72 -5.90 21.07
N SER B 85 -16.71 -6.54 21.69
CA SER B 85 -18.08 -6.27 21.30
C SER B 85 -18.51 -5.02 22.03
N GLY B 86 -19.73 -4.56 21.75
CA GLY B 86 -20.28 -3.37 22.35
C GLY B 86 -19.35 -2.19 22.34
N ILE B 87 -18.82 -1.85 23.50
CA ILE B 87 -18.05 -0.63 23.64
C ILE B 87 -16.66 -0.87 23.10
N GLY B 88 -16.27 -2.14 22.97
CA GLY B 88 -15.03 -2.50 22.32
C GLY B 88 -14.81 -1.75 21.01
N GLY B 89 -13.61 -1.25 20.78
CA GLY B 89 -13.28 -0.58 19.55
C GLY B 89 -13.66 0.89 19.47
N ASP B 90 -14.60 1.34 20.31
CA ASP B 90 -15.11 2.70 20.24
C ASP B 90 -14.04 3.74 20.58
N ALA B 91 -14.07 4.84 19.83
CA ALA B 91 -13.15 5.96 20.05
C ALA B 91 -13.91 7.21 20.49
N HIS B 92 -13.50 7.83 21.59
CA HIS B 92 -14.18 9.04 22.07
C HIS B 92 -13.27 10.24 22.09
N PHE B 93 -13.80 11.38 21.64
CA PHE B 93 -13.05 12.62 21.57
C PHE B 93 -13.67 13.70 22.48
N ASP B 94 -12.86 14.40 23.26
CA ASP B 94 -13.39 15.28 24.30
C ASP B 94 -13.75 16.65 23.72
N GLU B 95 -15.04 16.95 23.75
CA GLU B 95 -15.60 18.11 23.08
C GLU B 95 -15.12 19.39 23.69
N ASP B 96 -14.65 19.32 24.93
CA ASP B 96 -14.03 20.50 25.52
C ASP B 96 -12.63 20.74 24.96
N GLU B 97 -12.17 19.91 24.02
CA GLU B 97 -10.97 20.26 23.26
C GLU B 97 -11.45 21.11 22.10
N PHE B 98 -10.62 21.95 21.53
CA PHE B 98 -10.98 22.55 20.25
C PHE B 98 -10.41 21.76 19.08
N TRP B 99 -11.28 21.15 18.30
CA TRP B 99 -10.83 20.26 17.23
C TRP B 99 -10.58 20.93 15.87
N THR B 100 -9.40 20.70 15.29
CA THR B 100 -9.00 21.41 14.07
C THR B 100 -8.58 20.53 12.89
N THR B 101 -8.60 21.11 11.70
CA THR B 101 -8.19 20.35 10.55
C THR B 101 -6.66 20.42 10.42
N HIS B 102 -6.07 21.49 10.92
CA HIS B 102 -4.62 21.56 11.01
C HIS B 102 -4.21 21.98 12.43
N SER B 103 -3.39 23.01 12.56
CA SER B 103 -2.88 23.40 13.89
C SER B 103 -3.79 24.35 14.67
N GLY B 104 -3.36 24.70 15.88
CA GLY B 104 -4.05 25.69 16.69
C GLY B 104 -4.71 25.06 17.90
N GLY B 105 -5.75 24.27 17.66
CA GLY B 105 -6.35 23.51 18.72
C GLY B 105 -5.68 22.16 18.80
N THR B 106 -6.50 21.12 18.82
CA THR B 106 -5.99 19.75 18.82
C THR B 106 -6.35 19.11 17.48
N ASN B 107 -5.34 18.75 16.70
CA ASN B 107 -5.61 18.15 15.41
C ASN B 107 -6.38 16.83 15.48
N LEU B 108 -7.62 16.86 14.97
CA LEU B 108 -8.49 15.70 14.94
C LEU B 108 -7.86 14.52 14.21
N PHE B 109 -7.18 14.82 13.10
CA PHE B 109 -6.68 13.73 12.26
C PHE B 109 -5.66 12.90 13.01
N LEU B 110 -4.69 13.57 13.59
CA LEU B 110 -3.62 12.87 14.29
C LEU B 110 -4.19 12.15 15.51
N THR B 111 -5.07 12.82 16.22
CA THR B 111 -5.68 12.20 17.40
C THR B 111 -6.41 10.90 17.02
N ALA B 112 -7.03 10.93 15.85
CA ALA B 112 -7.82 9.79 15.38
C ALA B 112 -6.95 8.62 14.91
N VAL B 113 -5.85 8.89 14.22
CA VAL B 113 -4.92 7.81 13.85
C VAL B 113 -4.47 7.07 15.09
N HIS B 114 -3.96 7.85 16.06
CA HIS B 114 -3.53 7.32 17.35
C HIS B 114 -4.62 6.48 18.02
N GLN B 115 -5.77 7.12 18.27
CA GLN B 115 -6.90 6.44 18.88
C GLN B 115 -7.31 5.17 18.13
N ILE B 116 -7.39 5.26 16.81
CA ILE B 116 -7.82 4.08 16.04
C ILE B 116 -6.81 2.96 16.21
N GLY B 117 -5.53 3.32 16.33
CA GLY B 117 -4.50 2.39 16.75
C GLY B 117 -4.96 1.56 17.96
N HIS B 118 -5.40 2.23 19.01
CA HIS B 118 -5.94 1.54 20.19
C HIS B 118 -7.15 0.68 19.85
N SER B 119 -8.06 1.23 19.04
CA SER B 119 -9.29 0.54 18.69
C SER B 119 -8.96 -0.80 18.04
N LEU B 120 -7.88 -0.78 17.27
CA LEU B 120 -7.38 -1.97 16.57
C LEU B 120 -6.61 -2.85 17.54
N GLY B 121 -6.22 -2.29 18.68
CA GLY B 121 -5.52 -3.07 19.68
C GLY B 121 -4.08 -2.71 19.96
N LEU B 122 -3.58 -1.64 19.37
CA LEU B 122 -2.19 -1.30 19.59
C LEU B 122 -2.06 -0.68 20.96
N GLY B 123 -0.92 -0.90 21.60
CA GLY B 123 -0.54 -0.19 22.81
C GLY B 123 0.36 1.00 22.46
N HIS B 124 1.11 1.52 23.44
CA HIS B 124 1.96 2.69 23.20
C HIS B 124 3.39 2.36 22.73
N SER B 125 4.01 3.33 22.07
CA SER B 125 5.36 3.20 21.53
C SER B 125 6.41 4.12 22.21
N SER B 126 7.65 3.67 22.30
CA SER B 126 8.71 4.45 22.95
C SER B 126 9.44 5.35 21.96
N ASP B 127 8.93 5.43 20.74
CA ASP B 127 9.53 6.23 19.68
C ASP B 127 8.73 7.53 19.51
N PRO B 128 9.35 8.69 19.81
CA PRO B 128 8.58 9.93 19.79
C PRO B 128 8.10 10.29 18.39
N LYS B 129 8.64 9.61 17.38
CA LYS B 129 8.17 9.81 16.01
C LYS B 129 6.97 8.94 15.72
N ALA B 130 6.74 7.92 16.55
CA ALA B 130 5.58 7.05 16.36
C ALA B 130 4.29 7.78 16.63
N VAL B 131 3.26 7.45 15.87
CA VAL B 131 1.97 8.06 16.07
C VAL B 131 1.40 7.52 17.40
N MET B 132 1.81 6.30 17.78
CA MET B 132 1.32 5.68 19.01
C MET B 132 2.13 6.11 20.22
N PHE B 133 3.03 7.07 20.05
CA PHE B 133 3.66 7.68 21.20
C PHE B 133 2.57 8.27 22.09
N PRO B 134 2.77 8.26 23.42
CA PRO B 134 1.73 8.71 24.34
C PRO B 134 1.44 10.18 24.30
N THR B 135 2.37 10.99 23.87
CA THR B 135 2.19 12.42 24.02
C THR B 135 1.72 13.03 22.72
N TYR B 136 0.69 13.89 22.80
CA TYR B 136 0.18 14.53 21.61
C TYR B 136 1.21 15.54 21.18
N LYS B 137 1.38 15.68 19.87
CA LYS B 137 2.23 16.71 19.34
C LYS B 137 1.72 16.99 17.96
N TYR B 138 1.56 18.26 17.61
CA TYR B 138 1.28 18.57 16.23
C TYR B 138 2.49 18.14 15.40
N VAL B 139 2.25 17.57 14.23
CA VAL B 139 3.30 17.26 13.29
C VAL B 139 2.80 17.63 11.90
N ASP B 140 3.72 17.74 10.95
CA ASP B 140 3.36 18.12 9.59
C ASP B 140 2.57 16.99 8.92
N ILE B 141 1.30 17.26 8.67
CA ILE B 141 0.42 16.26 8.06
C ILE B 141 0.82 16.02 6.61
N ASN B 142 1.47 17.02 5.98
CA ASN B 142 1.96 16.80 4.63
C ASN B 142 3.08 15.75 4.61
N THR B 143 3.88 15.72 5.67
CA THR B 143 4.90 14.69 5.77
C THR B 143 4.55 13.60 6.76
N PHE B 144 3.27 13.48 7.15
CA PHE B 144 2.90 12.41 8.09
C PHE B 144 3.23 11.03 7.55
N ARG B 145 3.73 10.17 8.43
CA ARG B 145 3.95 8.76 8.13
C ARG B 145 4.06 7.99 9.45
N LEU B 146 3.56 6.75 9.45
CA LEU B 146 3.79 5.86 10.58
C LEU B 146 5.28 5.55 10.69
N SER B 147 5.78 5.51 11.92
CA SER B 147 7.11 4.98 12.18
C SER B 147 7.16 3.50 11.85
N ALA B 148 8.37 2.95 11.79
CA ALA B 148 8.58 1.50 11.62
C ALA B 148 7.92 0.73 12.77
N ASP B 149 8.07 1.28 13.97
CA ASP B 149 7.51 0.73 15.20
C ASP B 149 5.97 0.63 15.13
N ASP B 150 5.33 1.61 14.48
CA ASP B 150 3.88 1.58 14.26
C ASP B 150 3.51 0.45 13.31
N ILE B 151 4.22 0.39 12.19
CA ILE B 151 3.94 -0.57 11.15
C ILE B 151 4.12 -1.98 11.68
N ARG B 152 5.22 -2.16 12.41
CA ARG B 152 5.60 -3.44 13.05
C ARG B 152 4.52 -3.91 14.03
N GLY B 153 4.02 -2.98 14.83
CA GLY B 153 3.01 -3.31 15.80
C GLY B 153 1.72 -3.74 15.12
N ILE B 154 1.30 -3.01 14.09
CA ILE B 154 -0.02 -3.25 13.53
C ILE B 154 -0.02 -4.48 12.63
N GLN B 155 1.09 -4.75 11.96
CA GLN B 155 1.20 -5.91 11.09
C GLN B 155 1.42 -7.21 11.86
N SER B 156 1.92 -7.12 13.07
CA SER B 156 2.09 -8.33 13.86
C SER B 156 0.73 -8.73 14.42
N LEU B 157 -0.24 -7.83 14.32
CA LEU B 157 -1.59 -8.16 14.77
C LEU B 157 -2.49 -8.54 13.60
N TYR B 158 -2.17 -8.10 12.39
CA TYR B 158 -3.10 -8.32 11.28
C TYR B 158 -2.41 -8.72 9.99
N GLY B 159 -1.09 -8.82 10.01
CA GLY B 159 -0.36 -9.09 8.78
C GLY B 159 -0.16 -7.82 7.99
N PRO C 3 -5.97 -2.32 -1.05
CA PRO C 3 -7.29 -1.83 -1.45
C PRO C 3 -7.54 -2.03 -2.94
N VAL C 4 -7.15 -1.07 -3.75
CA VAL C 4 -7.22 -1.23 -5.20
C VAL C 4 -5.84 -0.94 -5.76
N TRP C 5 -5.51 -1.53 -6.92
CA TRP C 5 -4.28 -1.13 -7.63
C TRP C 5 -4.53 0.28 -8.19
N ARG C 6 -3.59 1.19 -7.94
CA ARG C 6 -3.79 2.57 -8.37
C ARG C 6 -2.92 2.81 -9.57
N LYS C 7 -2.80 1.78 -10.41
N LYS C 7 -2.85 1.80 -10.42
CA LYS C 7 -2.29 1.90 -11.77
CA LYS C 7 -2.23 1.84 -11.74
C LYS C 7 -3.04 0.84 -12.57
C LYS C 7 -3.02 0.80 -12.56
N HIS C 8 -3.12 0.96 -13.88
CA HIS C 8 -3.88 -0.02 -14.64
C HIS C 8 -3.02 -0.99 -15.48
N TYR C 9 -1.73 -0.70 -15.62
N TYR C 9 -1.73 -0.69 -15.60
CA TYR C 9 -0.77 -1.65 -16.19
CA TYR C 9 -0.76 -1.64 -16.15
C TYR C 9 -0.13 -2.47 -15.05
C TYR C 9 -0.15 -2.46 -15.01
N ILE C 10 -0.48 -3.75 -14.96
CA ILE C 10 -0.07 -4.59 -13.82
C ILE C 10 0.73 -5.86 -14.23
N THR C 11 1.92 -6.05 -13.68
CA THR C 11 2.73 -7.20 -14.09
C THR C 11 2.53 -8.46 -13.24
N TYR C 12 2.63 -9.62 -13.87
CA TYR C 12 2.64 -10.88 -13.13
C TYR C 12 3.80 -11.79 -13.53
N ARG C 13 4.19 -12.69 -12.65
CA ARG C 13 5.34 -13.56 -12.90
C ARG C 13 5.12 -14.92 -12.29
N ILE C 14 5.37 -15.97 -13.07
CA ILE C 14 5.23 -17.31 -12.55
C ILE C 14 6.48 -17.75 -11.83
N ASN C 15 6.38 -17.82 -10.52
CA ASN C 15 7.54 -18.10 -9.71
C ASN C 15 8.08 -19.48 -9.98
N ASN C 16 7.16 -20.42 -10.18
CA ASN C 16 7.51 -21.82 -10.39
C ASN C 16 6.30 -22.55 -10.96
N TYR C 17 6.52 -23.72 -11.56
CA TYR C 17 5.44 -24.44 -12.25
C TYR C 17 4.99 -25.70 -11.51
N THR C 18 3.69 -25.95 -11.43
CA THR C 18 3.23 -27.26 -11.00
C THR C 18 3.65 -28.34 -11.99
N PRO C 19 4.23 -29.42 -11.48
CA PRO C 19 4.48 -30.56 -12.37
C PRO C 19 3.23 -31.28 -12.87
N ASP C 20 2.04 -30.88 -12.41
CA ASP C 20 0.82 -31.59 -12.81
C ASP C 20 0.50 -31.39 -14.29
N MET C 21 0.92 -30.24 -14.83
CA MET C 21 0.60 -29.85 -16.21
C MET C 21 1.87 -29.48 -16.96
N ASN C 22 1.85 -29.55 -18.28
CA ASN C 22 3.01 -29.04 -19.01
C ASN C 22 3.03 -27.52 -18.86
N ARG C 23 4.21 -26.94 -18.98
CA ARG C 23 4.31 -25.51 -18.75
C ARG C 23 3.46 -24.65 -19.67
N GLU C 24 3.34 -25.01 -20.93
CA GLU C 24 2.48 -24.23 -21.81
C GLU C 24 1.06 -24.19 -21.25
N ASP C 25 0.58 -25.31 -20.73
CA ASP C 25 -0.78 -25.30 -20.22
C ASP C 25 -0.88 -24.42 -19.00
N VAL C 26 0.21 -24.32 -18.24
CA VAL C 26 0.18 -23.46 -17.08
C VAL C 26 0.07 -22.01 -17.55
N ASP C 27 1.03 -21.59 -18.37
CA ASP C 27 1.07 -20.22 -18.90
C ASP C 27 -0.28 -19.79 -19.44
N TYR C 28 -0.86 -20.65 -20.30
CA TYR C 28 -2.09 -20.35 -20.99
C TYR C 28 -3.21 -20.14 -19.98
N ALA C 29 -3.24 -20.97 -18.95
CA ALA C 29 -4.33 -20.91 -17.98
C ALA C 29 -4.29 -19.58 -17.21
N ILE C 30 -3.07 -19.17 -16.84
CA ILE C 30 -2.85 -17.94 -16.09
C ILE C 30 -3.11 -16.73 -16.97
N ARG C 31 -2.52 -16.75 -18.17
CA ARG C 31 -2.79 -15.70 -19.12
C ARG C 31 -4.32 -15.51 -19.29
N LYS C 32 -5.02 -16.59 -19.62
CA LYS C 32 -6.47 -16.50 -19.93
C LYS C 32 -7.28 -15.99 -18.72
N ALA C 33 -6.84 -16.33 -17.51
CA ALA C 33 -7.53 -15.88 -16.31
C ALA C 33 -7.34 -14.39 -16.13
N PHE C 34 -6.16 -13.93 -16.48
CA PHE C 34 -5.92 -12.50 -16.42
C PHE C 34 -6.74 -11.82 -17.50
N GLN C 35 -6.83 -12.47 -18.65
CA GLN C 35 -7.57 -11.94 -19.79
C GLN C 35 -9.03 -11.72 -19.42
N VAL C 36 -9.58 -12.69 -18.69
CA VAL C 36 -10.94 -12.60 -18.18
C VAL C 36 -11.25 -11.23 -17.54
N TRP C 37 -10.34 -10.75 -16.70
CA TRP C 37 -10.57 -9.51 -15.95
C TRP C 37 -10.25 -8.26 -16.76
N SER C 38 -9.36 -8.41 -17.74
CA SER C 38 -9.04 -7.28 -18.59
C SER C 38 -10.17 -7.02 -19.58
N ASN C 39 -10.89 -8.08 -19.91
CA ASN C 39 -11.96 -8.04 -20.89
C ASN C 39 -13.14 -7.18 -20.43
N VAL C 40 -13.16 -6.83 -19.15
CA VAL C 40 -14.27 -6.08 -18.58
C VAL C 40 -13.81 -4.90 -17.71
N THR C 41 -12.55 -4.51 -17.88
CA THR C 41 -11.97 -3.35 -17.19
C THR C 41 -10.94 -2.71 -18.12
N PRO C 42 -10.38 -1.56 -17.72
CA PRO C 42 -9.23 -1.09 -18.52
C PRO C 42 -7.87 -1.63 -18.05
N LEU C 43 -7.84 -2.62 -17.18
CA LEU C 43 -6.58 -3.15 -16.67
C LEU C 43 -5.78 -3.89 -17.74
N LYS C 44 -4.48 -3.71 -17.71
CA LYS C 44 -3.58 -4.43 -18.61
C LYS C 44 -2.60 -5.25 -17.79
N PHE C 45 -2.45 -6.50 -18.19
CA PHE C 45 -1.56 -7.43 -17.52
C PHE C 45 -0.47 -7.86 -18.45
N SER C 46 0.77 -7.66 -18.02
CA SER C 46 1.89 -8.21 -18.75
C SER C 46 2.59 -9.21 -17.87
N LYS C 47 2.99 -10.32 -18.48
CA LYS C 47 3.84 -11.26 -17.81
C LYS C 47 5.28 -10.77 -17.94
N ILE C 48 6.02 -10.82 -16.85
CA ILE C 48 7.43 -10.57 -16.95
C ILE C 48 8.20 -11.83 -16.56
N ASN C 49 9.48 -11.89 -16.92
CA ASN C 49 10.29 -13.08 -16.66
C ASN C 49 11.57 -12.76 -15.93
N THR C 50 11.66 -11.51 -15.51
CA THR C 50 12.77 -11.07 -14.71
C THR C 50 12.31 -9.85 -13.92
N GLY C 51 12.89 -9.66 -12.75
CA GLY C 51 12.52 -8.50 -11.94
C GLY C 51 11.28 -8.75 -11.10
N MET C 52 10.84 -7.74 -10.37
CA MET C 52 9.77 -7.97 -9.42
C MET C 52 8.43 -7.61 -10.03
N ALA C 53 7.54 -8.60 -10.11
CA ALA C 53 6.18 -8.38 -10.62
C ALA C 53 5.27 -7.83 -9.53
N ASP C 54 4.11 -7.32 -9.93
CA ASP C 54 3.10 -6.98 -8.96
C ASP C 54 2.48 -8.24 -8.39
N ILE C 55 2.04 -9.11 -9.30
CA ILE C 55 1.41 -10.36 -8.92
C ILE C 55 2.35 -11.56 -9.18
N LEU C 56 2.84 -12.19 -8.11
CA LEU C 56 3.71 -13.35 -8.26
C LEU C 56 2.84 -14.59 -8.10
N VAL C 57 3.02 -15.54 -8.99
CA VAL C 57 2.16 -16.71 -9.00
C VAL C 57 2.96 -17.87 -8.50
N VAL C 58 2.48 -18.48 -7.42
CA VAL C 58 3.28 -19.50 -6.74
C VAL C 58 2.54 -20.80 -6.61
N PHE C 59 3.23 -21.90 -6.90
CA PHE C 59 2.74 -23.21 -6.53
C PHE C 59 3.57 -23.66 -5.33
N ALA C 60 2.91 -23.93 -4.23
CA ALA C 60 3.61 -24.30 -2.99
C ALA C 60 2.81 -25.31 -2.20
N ARG C 61 3.50 -26.18 -1.45
CA ARG C 61 2.83 -27.07 -0.52
C ARG C 61 3.05 -26.68 0.94
N GLY C 62 2.05 -26.99 1.77
CA GLY C 62 2.10 -26.75 3.19
C GLY C 62 2.55 -25.36 3.59
N ALA C 63 3.54 -25.32 4.49
CA ALA C 63 4.09 -24.05 4.98
C ALA C 63 5.02 -23.49 3.93
N HIS C 64 4.85 -22.22 3.61
CA HIS C 64 5.60 -21.71 2.46
C HIS C 64 5.99 -20.26 2.54
N GLY C 65 6.05 -19.77 3.78
CA GLY C 65 6.71 -18.51 4.06
C GLY C 65 5.82 -17.32 4.39
N ASP C 66 4.51 -17.48 4.38
CA ASP C 66 3.65 -16.32 4.50
C ASP C 66 2.66 -16.38 5.67
N ASP C 67 2.88 -17.34 6.58
CA ASP C 67 2.00 -17.55 7.73
C ASP C 67 0.61 -18.00 7.33
N HIS C 68 0.47 -18.57 6.13
CA HIS C 68 -0.80 -19.17 5.75
C HIS C 68 -0.57 -20.52 5.07
N ALA C 69 -0.19 -21.50 5.89
CA ALA C 69 0.20 -22.83 5.43
C ALA C 69 -0.94 -23.54 4.70
N PHE C 70 -0.59 -24.26 3.66
CA PHE C 70 -1.60 -25.01 2.95
C PHE C 70 -1.91 -26.28 3.78
N ASP C 71 -2.88 -27.10 3.38
CA ASP C 71 -3.37 -28.17 4.23
C ASP C 71 -3.39 -29.51 3.54
N GLY C 72 -2.47 -29.69 2.59
CA GLY C 72 -2.39 -30.91 1.81
C GLY C 72 -3.52 -30.97 0.82
N LYS C 73 -3.93 -32.16 0.39
CA LYS C 73 -4.92 -32.27 -0.64
C LYS C 73 -6.35 -32.05 -0.13
N GLY C 74 -7.14 -31.29 -0.89
CA GLY C 74 -8.47 -30.95 -0.46
C GLY C 74 -8.46 -29.69 0.38
N GLY C 75 -9.58 -29.41 1.05
CA GLY C 75 -9.74 -28.18 1.81
C GLY C 75 -9.32 -26.96 0.99
N ILE C 76 -8.44 -26.15 1.57
CA ILE C 76 -7.90 -24.97 0.90
C ILE C 76 -7.16 -25.36 -0.38
N LEU C 77 -7.54 -24.72 -1.49
CA LEU C 77 -6.96 -25.01 -2.80
C LEU C 77 -5.92 -23.98 -3.19
N ALA C 78 -6.10 -22.77 -2.65
CA ALA C 78 -5.32 -21.61 -3.07
C ALA C 78 -5.73 -20.38 -2.28
N HIS C 79 -4.81 -19.42 -2.22
CA HIS C 79 -5.19 -18.12 -1.68
C HIS C 79 -4.41 -17.02 -2.37
N ALA C 80 -4.79 -15.80 -2.05
CA ALA C 80 -4.35 -14.64 -2.77
C ALA C 80 -4.49 -13.42 -1.87
N PHE C 81 -3.65 -12.42 -2.11
CA PHE C 81 -3.60 -11.25 -1.25
C PHE C 81 -4.11 -10.01 -2.00
N GLY C 82 -4.90 -9.18 -1.33
CA GLY C 82 -5.37 -7.95 -1.92
C GLY C 82 -4.19 -7.07 -2.33
N PRO C 83 -4.48 -6.03 -3.14
CA PRO C 83 -3.50 -5.06 -3.67
C PRO C 83 -2.68 -4.41 -2.58
N GLY C 84 -1.39 -4.27 -2.87
CA GLY C 84 -0.46 -3.78 -1.89
C GLY C 84 0.90 -4.09 -2.41
N SER C 85 1.92 -3.68 -1.67
CA SER C 85 3.28 -3.94 -2.05
C SER C 85 3.69 -5.33 -1.59
N GLY C 86 4.91 -5.72 -1.95
CA GLY C 86 5.50 -6.96 -1.49
C GLY C 86 4.66 -8.19 -1.81
N ILE C 87 4.12 -8.81 -0.79
CA ILE C 87 3.33 -10.00 -0.97
C ILE C 87 1.92 -9.63 -1.44
N GLY C 88 1.59 -8.34 -1.37
CA GLY C 88 0.30 -7.88 -1.88
C GLY C 88 0.03 -8.33 -3.31
N GLY C 89 -1.19 -8.80 -3.59
CA GLY C 89 -1.56 -9.21 -4.95
C GLY C 89 -1.15 -10.62 -5.32
N ASP C 90 -0.32 -11.25 -4.51
CA ASP C 90 0.27 -12.54 -4.87
C ASP C 90 -0.77 -13.67 -4.79
N ALA C 91 -0.67 -14.63 -5.71
CA ALA C 91 -1.63 -15.73 -5.74
C ALA C 91 -0.89 -17.05 -5.55
N HIS C 92 -1.21 -17.73 -4.46
CA HIS C 92 -0.54 -18.98 -4.14
C HIS C 92 -1.48 -20.11 -4.38
N PHE C 93 -0.99 -21.16 -5.04
CA PHE C 93 -1.75 -22.35 -5.41
C PHE C 93 -1.17 -23.57 -4.71
N ASP C 94 -2.04 -24.33 -4.03
CA ASP C 94 -1.61 -25.48 -3.23
C ASP C 94 -1.18 -26.62 -4.14
N GLU C 95 0.10 -26.96 -4.12
CA GLU C 95 0.65 -27.97 -5.02
C GLU C 95 0.12 -29.34 -4.68
N ASP C 96 -0.42 -29.54 -3.49
CA ASP C 96 -0.83 -30.87 -3.14
C ASP C 96 -2.18 -31.16 -3.77
N GLU C 97 -2.73 -30.12 -4.42
CA GLU C 97 -3.83 -30.32 -5.35
C GLU C 97 -3.32 -30.84 -6.70
N PHE C 98 -4.14 -31.60 -7.41
CA PHE C 98 -3.77 -32.01 -8.75
C PHE C 98 -4.34 -31.05 -9.80
N TRP C 99 -3.53 -30.14 -10.30
CA TRP C 99 -4.02 -29.08 -11.19
C TRP C 99 -4.22 -29.54 -12.64
N THR C 100 -5.36 -29.19 -13.23
CA THR C 100 -5.74 -29.62 -14.60
C THR C 100 -6.25 -28.53 -15.56
N THR C 101 -6.11 -28.78 -16.86
CA THR C 101 -6.62 -27.86 -17.87
C THR C 101 -8.13 -27.97 -18.02
N HIS C 102 -8.70 -29.08 -17.59
CA HIS C 102 -10.15 -29.18 -17.48
C HIS C 102 -10.54 -29.76 -16.11
N SER C 103 -11.26 -30.88 -16.10
CA SER C 103 -11.70 -31.46 -14.84
C SER C 103 -10.81 -32.66 -14.49
N GLY C 104 -11.19 -33.44 -13.48
CA GLY C 104 -10.36 -34.57 -13.09
C GLY C 104 -9.27 -34.22 -12.09
N GLY C 105 -9.39 -33.05 -11.49
CA GLY C 105 -8.49 -32.61 -10.45
C GLY C 105 -9.07 -31.29 -10.04
N THR C 106 -8.21 -30.27 -9.94
CA THR C 106 -8.67 -28.91 -9.69
C THR C 106 -8.31 -28.02 -10.88
N ASN C 107 -9.30 -27.42 -11.51
CA ASN C 107 -9.00 -26.63 -12.69
C ASN C 107 -8.22 -25.37 -12.36
N LEU C 108 -6.99 -25.31 -12.86
CA LEU C 108 -6.10 -24.18 -12.61
C LEU C 108 -6.73 -22.86 -13.07
N PHE C 109 -7.22 -22.87 -14.30
CA PHE C 109 -7.78 -21.65 -14.89
C PHE C 109 -8.90 -21.06 -14.04
N LEU C 110 -9.84 -21.89 -13.60
CA LEU C 110 -10.98 -21.37 -12.84
C LEU C 110 -10.51 -20.83 -11.51
N THR C 111 -9.61 -21.54 -10.88
CA THR C 111 -9.13 -21.13 -9.56
C THR C 111 -8.40 -19.79 -9.66
N ALA C 112 -7.65 -19.63 -10.73
CA ALA C 112 -6.89 -18.43 -10.97
C ALA C 112 -7.76 -17.21 -11.28
N VAL C 113 -8.83 -17.39 -12.06
CA VAL C 113 -9.73 -16.28 -12.28
C VAL C 113 -10.23 -15.75 -10.92
N HIS C 114 -10.74 -16.69 -10.10
CA HIS C 114 -11.26 -16.40 -8.76
C HIS C 114 -10.20 -15.70 -7.89
N GLN C 115 -9.01 -16.32 -7.83
CA GLN C 115 -7.89 -15.79 -7.05
C GLN C 115 -7.46 -14.41 -7.50
N ILE C 116 -7.37 -14.21 -8.81
CA ILE C 116 -6.88 -12.93 -9.31
C ILE C 116 -7.88 -11.82 -8.94
N GLY C 117 -9.17 -12.13 -8.94
CA GLY C 117 -10.15 -11.21 -8.39
C GLY C 117 -9.73 -10.71 -7.00
N HIS C 118 -9.22 -11.62 -6.18
CA HIS C 118 -8.73 -11.26 -4.86
C HIS C 118 -7.49 -10.39 -4.94
N SER C 119 -6.67 -10.65 -5.94
CA SER C 119 -5.40 -9.96 -6.12
C SER C 119 -5.72 -8.55 -6.57
N LEU C 120 -6.85 -8.42 -7.24
CA LEU C 120 -7.35 -7.13 -7.70
C LEU C 120 -8.18 -6.43 -6.62
N GLY C 121 -8.56 -7.14 -5.56
CA GLY C 121 -9.27 -6.53 -4.47
C GLY C 121 -10.72 -6.91 -4.29
N LEU C 122 -11.17 -7.99 -4.93
CA LEU C 122 -12.56 -8.41 -4.81
C LEU C 122 -12.78 -9.30 -3.59
N GLY C 123 -13.93 -9.12 -2.96
CA GLY C 123 -14.37 -10.02 -1.90
C GLY C 123 -15.17 -11.12 -2.57
N HIS C 124 -15.92 -11.88 -1.76
CA HIS C 124 -16.73 -13.01 -2.24
C HIS C 124 -18.15 -12.65 -2.67
N SER C 125 -18.80 -13.56 -3.39
CA SER C 125 -20.13 -13.29 -3.92
C SER C 125 -21.20 -14.28 -3.48
N SER C 126 -22.42 -13.78 -3.25
CA SER C 126 -23.52 -14.65 -2.87
C SER C 126 -24.11 -15.43 -4.05
N ASP C 127 -23.68 -15.09 -5.26
CA ASP C 127 -24.17 -15.73 -6.48
C ASP C 127 -23.38 -17.00 -6.80
N PRO C 128 -24.04 -18.16 -6.77
CA PRO C 128 -23.34 -19.41 -7.09
C PRO C 128 -22.86 -19.46 -8.54
N LYS C 129 -23.40 -18.60 -9.39
CA LYS C 129 -22.95 -18.52 -10.79
C LYS C 129 -21.72 -17.62 -10.90
N ALA C 130 -21.43 -16.88 -9.83
CA ALA C 130 -20.32 -15.94 -9.86
C ALA C 130 -18.97 -16.64 -9.65
N VAL C 131 -17.94 -16.14 -10.32
CA VAL C 131 -16.64 -16.77 -10.24
C VAL C 131 -16.09 -16.54 -8.84
N MET C 132 -16.54 -15.44 -8.21
CA MET C 132 -16.09 -15.07 -6.87
C MET C 132 -16.92 -15.73 -5.78
N PHE C 133 -17.71 -16.73 -6.16
CA PHE C 133 -18.35 -17.54 -5.17
C PHE C 133 -17.27 -18.25 -4.31
N PRO C 134 -17.51 -18.38 -3.00
CA PRO C 134 -16.43 -18.93 -2.16
C PRO C 134 -16.21 -20.42 -2.28
N THR C 135 -17.00 -21.11 -3.08
CA THR C 135 -16.88 -22.55 -3.19
C THR C 135 -16.45 -22.96 -4.59
N TYR C 136 -15.48 -23.86 -4.64
CA TYR C 136 -15.03 -24.39 -5.92
C TYR C 136 -15.99 -25.42 -6.52
N LYS C 137 -16.32 -25.21 -7.78
N LYS C 137 -16.33 -25.20 -7.77
CA LYS C 137 -17.05 -26.22 -8.54
CA LYS C 137 -17.04 -26.18 -8.55
C LYS C 137 -16.57 -26.14 -9.98
C LYS C 137 -16.51 -26.15 -9.97
N TYR C 138 -16.52 -27.28 -10.63
CA TYR C 138 -16.12 -27.29 -12.01
C TYR C 138 -17.32 -26.73 -12.74
N VAL C 139 -17.04 -25.88 -13.73
CA VAL C 139 -18.07 -25.45 -14.65
C VAL C 139 -17.51 -25.55 -16.06
N ASP C 140 -18.40 -25.60 -17.05
CA ASP C 140 -17.99 -25.69 -18.44
C ASP C 140 -17.26 -24.42 -18.86
N ILE C 141 -15.96 -24.57 -19.08
CA ILE C 141 -15.08 -23.46 -19.48
C ILE C 141 -15.39 -22.93 -20.88
N ASN C 142 -15.98 -23.79 -21.72
CA ASN C 142 -16.48 -23.36 -23.02
C ASN C 142 -17.58 -22.31 -22.90
N THR C 143 -18.31 -22.38 -21.81
CA THR C 143 -19.42 -21.46 -21.63
C THR C 143 -19.10 -20.51 -20.49
N PHE C 144 -17.84 -20.52 -20.05
CA PHE C 144 -17.44 -19.69 -18.92
C PHE C 144 -17.73 -18.25 -19.19
N ARG C 145 -18.16 -17.57 -18.14
CA ARG C 145 -18.47 -16.16 -18.22
C ARG C 145 -18.57 -15.62 -16.80
N LEU C 146 -18.11 -14.38 -16.60
CA LEU C 146 -18.34 -13.68 -15.32
C LEU C 146 -19.82 -13.37 -15.15
N SER C 147 -20.30 -13.49 -13.93
CA SER C 147 -21.66 -13.08 -13.67
C SER C 147 -21.78 -11.58 -13.63
N ALA C 148 -23.01 -11.09 -13.64
CA ALA C 148 -23.29 -9.67 -13.51
C ALA C 148 -22.63 -9.11 -12.25
N ASP C 149 -22.65 -9.90 -11.18
CA ASP C 149 -22.15 -9.42 -9.91
C ASP C 149 -20.60 -9.41 -9.87
N ASP C 150 -19.94 -10.23 -10.70
CA ASP C 150 -18.48 -10.13 -10.81
C ASP C 150 -18.08 -8.85 -11.53
N ILE C 151 -18.67 -8.66 -12.71
CA ILE C 151 -18.40 -7.51 -13.56
C ILE C 151 -18.67 -6.20 -12.82
N ARG C 152 -19.80 -6.14 -12.12
CA ARG C 152 -20.17 -4.96 -11.36
C ARG C 152 -19.15 -4.69 -10.26
N GLY C 153 -18.63 -5.74 -9.67
CA GLY C 153 -17.71 -5.59 -8.57
C GLY C 153 -16.36 -5.08 -9.05
N ILE C 154 -15.90 -5.60 -10.17
CA ILE C 154 -14.55 -5.30 -10.61
C ILE C 154 -14.56 -3.93 -11.24
N GLN C 155 -15.71 -3.51 -11.76
CA GLN C 155 -15.83 -2.18 -12.36
C GLN C 155 -16.04 -1.05 -11.32
N SER C 156 -16.60 -1.39 -10.16
CA SER C 156 -16.70 -0.38 -9.11
C SER C 156 -15.29 -0.02 -8.65
N LEU C 157 -14.40 -1.00 -8.70
CA LEU C 157 -13.02 -0.77 -8.30
C LEU C 157 -12.21 -0.06 -9.39
N TYR C 158 -12.38 -0.48 -10.64
CA TYR C 158 -11.48 -0.04 -11.71
C TYR C 158 -12.12 0.67 -12.90
N GLY C 159 -13.43 0.92 -12.83
CA GLY C 159 -14.15 1.50 -13.97
C GLY C 159 -14.18 0.56 -15.16
N VAL D 4 21.09 2.41 4.27
CA VAL D 4 21.32 2.08 5.66
C VAL D 4 19.98 1.96 6.37
N TRP D 5 19.95 1.18 7.45
CA TRP D 5 18.73 1.02 8.23
C TRP D 5 18.42 2.29 9.02
N ARG D 6 17.22 2.82 8.80
CA ARG D 6 16.76 4.03 9.48
C ARG D 6 16.21 3.75 10.87
N LYS D 7 16.36 2.51 11.35
CA LYS D 7 15.94 2.19 12.72
C LYS D 7 16.99 1.33 13.44
N HIS D 8 16.94 1.27 14.76
CA HIS D 8 17.95 0.52 15.50
C HIS D 8 17.33 -0.69 16.19
N TYR D 9 16.03 -0.88 16.00
CA TYR D 9 15.39 -2.14 16.36
C TYR D 9 15.16 -2.94 15.08
N ILE D 10 15.94 -3.99 14.90
CA ILE D 10 15.88 -4.74 13.66
C ILE D 10 15.50 -6.20 13.90
N THR D 11 14.44 -6.65 13.24
CA THR D 11 14.00 -8.03 13.44
C THR D 11 14.59 -8.95 12.42
N TYR D 12 14.62 -10.24 12.73
CA TYR D 12 15.01 -11.24 11.75
C TYR D 12 14.24 -12.52 12.03
N ARG D 13 14.16 -13.39 11.02
CA ARG D 13 13.37 -14.62 11.12
C ARG D 13 14.00 -15.72 10.29
N ILE D 14 14.07 -16.92 10.83
CA ILE D 14 14.64 -18.02 10.06
C ILE D 14 13.55 -18.69 9.22
N ASN D 15 13.64 -18.52 7.90
CA ASN D 15 12.60 -19.00 7.00
C ASN D 15 12.50 -20.49 7.05
N ASN D 16 13.67 -21.12 7.10
CA ASN D 16 13.78 -22.57 7.02
C ASN D 16 15.14 -22.99 7.51
N TYR D 17 15.35 -24.30 7.66
CA TYR D 17 16.58 -24.83 8.26
C TYR D 17 17.32 -25.80 7.36
N THR D 18 18.64 -25.72 7.37
CA THR D 18 19.47 -26.67 6.65
C THR D 18 19.41 -27.98 7.42
N PRO D 19 19.43 -29.11 6.71
CA PRO D 19 19.42 -30.43 7.33
C PRO D 19 20.82 -30.83 7.80
N ASP D 20 21.85 -30.11 7.35
CA ASP D 20 23.23 -30.36 7.76
C ASP D 20 23.49 -30.21 9.27
N MET D 21 22.64 -29.46 9.96
CA MET D 21 22.95 -29.10 11.35
C MET D 21 21.75 -29.26 12.22
N ASN D 22 21.97 -29.47 13.52
N ASN D 22 21.92 -29.50 13.51
CA ASN D 22 20.89 -29.35 14.48
CA ASN D 22 20.72 -29.52 14.32
C ASN D 22 20.24 -27.98 14.38
C ASN D 22 20.23 -28.08 14.40
N ARG D 23 18.95 -27.91 14.69
CA ARG D 23 18.29 -26.61 14.70
C ARG D 23 18.84 -25.68 15.77
N GLU D 24 19.20 -26.26 16.91
N GLU D 24 19.18 -26.27 16.92
CA GLU D 24 19.77 -25.53 18.03
CA GLU D 24 19.75 -25.52 18.03
C GLU D 24 21.06 -24.83 17.59
C GLU D 24 21.06 -24.83 17.59
N ASP D 25 21.87 -25.56 16.83
CA ASP D 25 23.11 -25.02 16.29
C ASP D 25 22.87 -23.93 15.26
N VAL D 26 21.89 -24.10 14.37
CA VAL D 26 21.62 -23.04 13.41
C VAL D 26 21.16 -21.82 14.19
N ASP D 27 20.19 -22.02 15.08
CA ASP D 27 19.67 -20.92 15.89
C ASP D 27 20.81 -20.21 16.61
N TYR D 28 21.69 -20.98 17.23
CA TYR D 28 22.80 -20.41 17.98
C TYR D 28 23.71 -19.57 17.09
N ALA D 29 24.15 -20.17 15.98
CA ALA D 29 25.01 -19.50 15.00
C ALA D 29 24.42 -18.20 14.48
N ILE D 30 23.12 -18.19 14.17
CA ILE D 30 22.51 -16.98 13.66
C ILE D 30 22.43 -15.92 14.72
N ARG D 31 22.02 -16.33 15.92
CA ARG D 31 21.95 -15.41 17.04
C ARG D 31 23.33 -14.83 17.42
N LYS D 32 24.35 -15.65 17.49
CA LYS D 32 25.68 -15.14 17.79
C LYS D 32 26.27 -14.23 16.71
N ALA D 33 25.99 -14.52 15.43
CA ALA D 33 26.47 -13.63 14.37
C ALA D 33 25.87 -12.22 14.52
N PHE D 34 24.61 -12.15 14.92
CA PHE D 34 23.95 -10.86 15.13
C PHE D 34 24.52 -10.13 16.36
N GLN D 35 24.78 -10.91 17.41
CA GLN D 35 25.49 -10.43 18.59
C GLN D 35 26.75 -9.67 18.23
N VAL D 36 27.55 -10.28 17.37
CA VAL D 36 28.86 -9.76 17.00
C VAL D 36 28.70 -8.31 16.56
N TRP D 37 27.64 -8.03 15.80
CA TRP D 37 27.46 -6.69 15.27
C TRP D 37 26.82 -5.75 16.29
N SER D 38 25.96 -6.26 17.15
CA SER D 38 25.29 -5.41 18.13
C SER D 38 26.20 -5.14 19.35
N ASN D 39 27.22 -5.98 19.52
CA ASN D 39 28.27 -5.73 20.49
C ASN D 39 29.11 -4.49 20.22
N VAL D 40 28.95 -3.87 19.05
CA VAL D 40 29.82 -2.76 18.68
C VAL D 40 29.04 -1.62 18.03
N THR D 41 27.71 -1.71 18.09
CA THR D 41 26.80 -0.66 17.64
C THR D 41 25.62 -0.58 18.62
N PRO D 42 24.80 0.49 18.54
CA PRO D 42 23.63 0.48 19.42
C PRO D 42 22.46 -0.34 18.86
N LEU D 43 22.68 -1.03 17.75
CA LEU D 43 21.61 -1.83 17.14
C LEU D 43 21.15 -3.01 18.01
N LYS D 44 19.84 -3.23 18.06
CA LYS D 44 19.34 -4.43 18.71
C LYS D 44 18.66 -5.35 17.69
N PHE D 45 18.97 -6.64 17.79
CA PHE D 45 18.42 -7.62 16.87
C PHE D 45 17.56 -8.63 17.61
N SER D 46 16.33 -8.82 17.14
CA SER D 46 15.41 -9.72 17.81
C SER D 46 14.86 -10.75 16.85
N LYS D 47 14.87 -12.01 17.27
CA LYS D 47 14.31 -13.09 16.47
C LYS D 47 12.80 -13.15 16.61
N ILE D 48 12.11 -13.28 15.49
CA ILE D 48 10.68 -13.45 15.51
C ILE D 48 10.28 -14.72 14.80
N ASN D 49 9.14 -15.26 15.21
CA ASN D 49 8.70 -16.57 14.75
C ASN D 49 7.38 -16.47 14.06
N THR D 50 6.97 -15.23 13.81
CA THR D 50 5.79 -14.99 13.03
C THR D 50 5.85 -13.57 12.56
N GLY D 51 5.09 -13.28 11.51
CA GLY D 51 5.05 -11.94 10.93
C GLY D 51 6.17 -11.63 9.96
N MET D 52 6.16 -10.42 9.39
CA MET D 52 7.22 -10.03 8.47
C MET D 52 8.41 -9.45 9.22
N ALA D 53 9.59 -9.96 8.91
CA ALA D 53 10.81 -9.52 9.57
C ALA D 53 11.59 -8.61 8.65
N ASP D 54 12.50 -7.84 9.22
CA ASP D 54 13.34 -7.01 8.40
C ASP D 54 14.28 -7.90 7.61
N ILE D 55 14.89 -8.85 8.30
CA ILE D 55 15.93 -9.71 7.74
C ILE D 55 15.49 -11.19 7.71
N LEU D 56 15.14 -11.69 6.52
CA LEU D 56 14.77 -13.10 6.40
C LEU D 56 16.01 -13.96 6.15
N VAL D 57 16.18 -15.03 6.93
CA VAL D 57 17.34 -15.93 6.76
C VAL D 57 16.85 -17.14 6.00
N VAL D 58 17.42 -17.35 4.82
CA VAL D 58 16.95 -18.43 3.97
C VAL D 58 18.06 -19.41 3.61
N PHE D 59 17.81 -20.69 3.80
CA PHE D 59 18.64 -21.70 3.14
C PHE D 59 17.93 -22.18 1.87
N ALA D 60 18.66 -22.19 0.75
CA ALA D 60 18.08 -22.68 -0.49
C ALA D 60 19.20 -23.04 -1.46
N ARG D 61 18.88 -23.79 -2.50
CA ARG D 61 19.88 -24.07 -3.54
C ARG D 61 19.38 -23.66 -4.92
N GLY D 62 20.31 -23.51 -5.86
CA GLY D 62 19.99 -23.20 -7.24
C GLY D 62 19.15 -21.95 -7.34
N ALA D 63 18.16 -21.95 -8.23
CA ALA D 63 17.19 -20.84 -8.36
C ALA D 63 16.19 -20.77 -7.19
N HIS D 64 15.98 -19.58 -6.60
CA HIS D 64 14.99 -19.47 -5.52
C HIS D 64 14.18 -18.17 -5.56
N GLY D 65 14.01 -17.60 -6.75
CA GLY D 65 13.04 -16.55 -6.95
C GLY D 65 13.49 -15.11 -6.69
N ASP D 66 14.80 -14.87 -6.59
CA ASP D 66 15.25 -13.49 -6.43
C ASP D 66 16.20 -13.04 -7.52
N ASP D 67 16.27 -13.84 -8.60
CA ASP D 67 17.09 -13.55 -9.80
C ASP D 67 18.60 -13.63 -9.54
N HIS D 68 19.00 -14.29 -8.47
CA HIS D 68 20.42 -14.62 -8.27
C HIS D 68 20.62 -16.06 -7.86
N ALA D 69 20.61 -16.98 -8.82
CA ALA D 69 20.54 -18.39 -8.45
C ALA D 69 21.89 -18.86 -7.95
N PHE D 70 21.88 -19.78 -6.98
CA PHE D 70 23.11 -20.40 -6.49
C PHE D 70 23.65 -21.40 -7.52
N ASP D 71 24.77 -22.05 -7.19
CA ASP D 71 25.60 -22.70 -8.21
C ASP D 71 26.06 -24.11 -7.79
N GLY D 72 25.39 -24.70 -6.80
CA GLY D 72 25.74 -26.01 -6.31
C GLY D 72 26.85 -25.89 -5.30
N LYS D 73 27.51 -27.00 -4.96
CA LYS D 73 28.60 -26.92 -3.98
C LYS D 73 29.78 -26.09 -4.49
N GLY D 74 30.37 -25.32 -3.59
CA GLY D 74 31.53 -24.51 -3.92
C GLY D 74 31.10 -23.23 -4.58
N GLY D 75 32.05 -22.54 -5.20
CA GLY D 75 31.81 -21.23 -5.79
C GLY D 75 31.22 -20.24 -4.81
N ILE D 76 30.01 -19.79 -5.10
CA ILE D 76 29.24 -18.88 -4.22
C ILE D 76 28.73 -19.61 -2.98
N LEU D 77 28.81 -18.96 -1.81
CA LEU D 77 28.36 -19.62 -0.58
C LEU D 77 27.01 -19.14 -0.12
N ALA D 78 26.77 -17.87 -0.36
CA ALA D 78 25.65 -17.17 0.19
C ALA D 78 25.64 -15.77 -0.39
N HIS D 79 24.56 -15.04 -0.17
CA HIS D 79 24.52 -13.67 -0.57
C HIS D 79 23.42 -12.95 0.21
N ALA D 80 23.55 -11.64 0.31
CA ALA D 80 22.73 -10.85 1.18
C ALA D 80 22.38 -9.58 0.45
N PHE D 81 21.21 -9.04 0.77
CA PHE D 81 20.79 -7.78 0.16
C PHE D 81 20.98 -6.64 1.13
N GLY D 82 21.41 -5.49 0.62
CA GLY D 82 21.61 -4.28 1.41
C GLY D 82 20.29 -3.84 2.01
N PRO D 83 20.35 -2.90 2.98
CA PRO D 83 19.19 -2.42 3.75
C PRO D 83 18.01 -1.99 2.88
N GLY D 84 16.82 -2.46 3.23
CA GLY D 84 15.65 -2.15 2.43
C GLY D 84 14.36 -2.84 2.79
N SER D 85 13.34 -2.44 2.06
CA SER D 85 12.03 -3.06 2.19
C SER D 85 12.08 -4.36 1.42
N GLY D 86 11.13 -5.25 1.70
CA GLY D 86 11.04 -6.51 1.00
C GLY D 86 12.33 -7.31 1.10
N ILE D 87 12.96 -7.59 -0.04
CA ILE D 87 14.13 -8.44 -0.04
C ILE D 87 15.37 -7.79 0.57
N GLY D 88 15.36 -6.46 0.69
CA GLY D 88 16.45 -5.79 1.38
C GLY D 88 16.72 -6.44 2.71
N GLY D 89 17.99 -6.50 3.11
CA GLY D 89 18.36 -7.05 4.40
C GLY D 89 18.43 -8.57 4.42
N ASP D 90 17.69 -9.22 3.52
CA ASP D 90 17.56 -10.68 3.55
C ASP D 90 18.91 -11.36 3.33
N ALA D 91 19.16 -12.42 4.10
CA ALA D 91 20.40 -13.20 4.01
C ALA D 91 20.06 -14.61 3.56
N HIS D 92 20.68 -15.04 2.46
CA HIS D 92 20.42 -16.33 1.83
C HIS D 92 21.65 -17.20 1.84
N PHE D 93 21.48 -18.46 2.23
CA PHE D 93 22.58 -19.38 2.33
C PHE D 93 22.37 -20.54 1.36
N ASP D 94 23.40 -20.90 0.63
CA ASP D 94 23.33 -21.93 -0.40
C ASP D 94 23.23 -23.29 0.25
N GLU D 95 22.10 -23.97 0.09
CA GLU D 95 21.88 -25.24 0.78
C GLU D 95 22.76 -26.35 0.22
N ASP D 96 23.22 -26.19 -1.00
CA ASP D 96 24.10 -27.22 -1.55
C ASP D 96 25.46 -27.24 -0.83
N GLU D 97 25.75 -26.23 -0.01
CA GLU D 97 26.97 -26.27 0.81
C GLU D 97 26.72 -27.17 2.02
N PHE D 98 27.81 -27.56 2.69
CA PHE D 98 27.62 -28.30 3.91
C PHE D 98 27.87 -27.44 5.12
N TRP D 99 26.80 -26.87 5.65
CA TRP D 99 26.91 -25.97 6.80
C TRP D 99 27.28 -26.73 8.07
N THR D 100 28.26 -26.19 8.79
CA THR D 100 28.80 -26.87 9.97
C THR D 100 28.95 -25.92 11.12
N THR D 101 29.06 -26.49 12.32
CA THR D 101 29.16 -25.71 13.54
C THR D 101 30.60 -25.20 13.70
N HIS D 102 31.56 -26.07 13.39
CA HIS D 102 32.96 -25.66 13.28
C HIS D 102 33.51 -25.81 11.86
N SER D 103 34.53 -26.64 11.68
CA SER D 103 35.07 -26.84 10.34
C SER D 103 34.55 -28.14 9.75
N GLY D 104 35.11 -28.56 8.62
CA GLY D 104 34.67 -29.80 8.02
C GLY D 104 33.69 -29.53 6.89
N GLY D 105 33.37 -28.25 6.70
CA GLY D 105 32.51 -27.81 5.63
C GLY D 105 32.56 -26.31 5.51
N THR D 106 31.40 -25.67 5.46
CA THR D 106 31.37 -24.22 5.49
C THR D 106 30.78 -23.76 6.81
N ASN D 107 31.51 -22.94 7.56
CA ASN D 107 30.99 -22.51 8.85
C ASN D 107 29.85 -21.48 8.75
N LEU D 108 28.69 -21.82 9.30
CA LEU D 108 27.52 -20.94 9.23
C LEU D 108 27.72 -19.62 9.98
N PHE D 109 28.22 -19.71 11.21
CA PHE D 109 28.46 -18.52 12.02
C PHE D 109 29.22 -17.41 11.29
N LEU D 110 30.44 -17.75 10.86
CA LEU D 110 31.34 -16.84 10.15
C LEU D 110 30.75 -16.32 8.85
N THR D 111 30.05 -17.19 8.11
CA THR D 111 29.40 -16.80 6.87
C THR D 111 28.28 -15.81 7.24
N ALA D 112 27.54 -16.13 8.30
CA ALA D 112 26.42 -15.30 8.68
C ALA D 112 26.86 -13.89 9.16
N VAL D 113 27.92 -13.79 9.95
CA VAL D 113 28.40 -12.47 10.41
C VAL D 113 28.66 -11.57 9.22
N HIS D 114 29.25 -12.16 8.19
CA HIS D 114 29.64 -11.48 6.96
C HIS D 114 28.42 -11.08 6.14
N GLN D 115 27.49 -12.01 5.95
CA GLN D 115 26.24 -11.72 5.20
C GLN D 115 25.36 -10.70 5.90
N ILE D 116 25.37 -10.75 7.23
CA ILE D 116 24.66 -9.79 8.05
C ILE D 116 25.35 -8.43 7.94
N GLY D 117 26.67 -8.46 7.86
CA GLY D 117 27.45 -7.30 7.49
C GLY D 117 26.86 -6.63 6.25
N HIS D 118 26.71 -7.39 5.16
CA HIS D 118 26.04 -6.85 3.97
C HIS D 118 24.57 -6.46 4.22
N SER D 119 23.82 -7.28 4.97
CA SER D 119 22.45 -6.93 5.40
C SER D 119 22.35 -5.55 6.09
N LEU D 120 23.46 -5.04 6.64
CA LEU D 120 23.42 -3.79 7.39
C LEU D 120 23.97 -2.64 6.58
N GLY D 121 24.43 -2.94 5.38
CA GLY D 121 24.83 -1.89 4.47
C GLY D 121 26.32 -1.78 4.19
N LEU D 122 27.10 -2.79 4.60
CA LEU D 122 28.55 -2.77 4.41
C LEU D 122 28.96 -3.38 3.08
N GLY D 123 29.97 -2.81 2.46
CA GLY D 123 30.61 -3.44 1.32
C GLY D 123 31.86 -4.17 1.80
N HIS D 124 32.69 -4.60 0.87
CA HIS D 124 33.86 -5.43 1.22
C HIS D 124 35.06 -4.65 1.75
N SER D 125 35.95 -5.38 2.43
CA SER D 125 37.17 -4.83 3.02
C SER D 125 38.41 -5.44 2.33
N SER D 126 39.56 -4.77 2.43
CA SER D 126 40.81 -5.29 1.86
C SER D 126 41.74 -5.91 2.92
N ASP D 127 41.28 -5.98 4.16
CA ASP D 127 42.05 -6.58 5.26
C ASP D 127 41.66 -8.05 5.36
N PRO D 128 42.62 -8.95 5.06
CA PRO D 128 42.40 -10.40 5.20
C PRO D 128 41.85 -10.78 6.56
N LYS D 129 42.16 -9.99 7.58
CA LYS D 129 41.73 -10.26 8.94
C LYS D 129 40.28 -9.82 9.21
N ALA D 130 39.67 -9.11 8.26
CA ALA D 130 38.30 -8.59 8.44
C ALA D 130 37.24 -9.63 8.15
N VAL D 131 36.12 -9.58 8.86
CA VAL D 131 35.07 -10.55 8.57
C VAL D 131 34.47 -10.17 7.22
N MET D 132 34.63 -8.90 6.83
CA MET D 132 34.06 -8.39 5.57
C MET D 132 35.00 -8.58 4.38
N PHE D 133 36.06 -9.35 4.59
CA PHE D 133 36.94 -9.77 3.51
C PHE D 133 36.16 -10.66 2.51
N PRO D 134 36.45 -10.54 1.20
CA PRO D 134 35.63 -11.17 0.16
C PRO D 134 35.68 -12.71 0.09
N THR D 135 36.77 -13.33 0.54
CA THR D 135 36.90 -14.79 0.48
C THR D 135 36.55 -15.48 1.81
N TYR D 136 35.94 -16.65 1.74
CA TYR D 136 35.76 -17.48 2.93
C TYR D 136 37.02 -18.22 3.35
N LYS D 137 37.40 -17.99 4.61
CA LYS D 137 38.53 -18.60 5.28
C LYS D 137 38.12 -19.09 6.66
N TYR D 138 38.32 -20.36 6.98
CA TYR D 138 37.99 -20.72 8.34
C TYR D 138 39.03 -20.12 9.28
N VAL D 139 38.55 -19.48 10.35
CA VAL D 139 39.45 -19.02 11.36
C VAL D 139 38.95 -19.59 12.68
N ASP D 140 39.82 -19.61 13.69
CA ASP D 140 39.44 -20.05 15.02
C ASP D 140 38.34 -19.20 15.63
N ILE D 141 37.20 -19.83 15.86
CA ILE D 141 36.04 -19.11 16.35
C ILE D 141 36.24 -18.70 17.80
N ASN D 142 37.06 -19.45 18.54
CA ASN D 142 37.45 -19.10 19.89
C ASN D 142 38.19 -17.77 19.97
N THR D 143 38.90 -17.39 18.92
CA THR D 143 39.62 -16.12 18.99
C THR D 143 39.04 -15.14 18.00
N PHE D 144 37.89 -15.49 17.44
CA PHE D 144 37.20 -14.61 16.53
C PHE D 144 36.87 -13.23 17.09
N ARG D 145 37.17 -12.20 16.31
CA ARG D 145 36.88 -10.83 16.71
C ARG D 145 36.69 -10.02 15.43
N LEU D 146 35.88 -8.97 15.45
CA LEU D 146 35.89 -8.06 14.31
C LEU D 146 37.24 -7.35 14.17
N SER D 147 37.64 -7.06 12.94
CA SER D 147 38.81 -6.25 12.68
C SER D 147 38.47 -4.77 12.84
N ALA D 148 39.49 -3.92 12.90
CA ALA D 148 39.26 -2.49 13.08
C ALA D 148 38.56 -1.92 11.86
N ASP D 149 38.74 -2.57 10.71
CA ASP D 149 38.01 -2.17 9.52
C ASP D 149 36.51 -2.33 9.68
N ASP D 150 36.11 -3.52 10.09
CA ASP D 150 34.70 -3.85 10.26
C ASP D 150 34.01 -2.89 11.19
N ILE D 151 34.68 -2.64 12.31
CA ILE D 151 34.12 -1.80 13.33
C ILE D 151 34.09 -0.35 12.85
N ARG D 152 35.19 0.09 12.21
CA ARG D 152 35.24 1.40 11.57
C ARG D 152 34.03 1.54 10.68
N GLY D 153 33.80 0.53 9.85
CA GLY D 153 32.74 0.60 8.87
C GLY D 153 31.36 0.64 9.49
N ILE D 154 31.08 -0.30 10.37
CA ILE D 154 29.71 -0.46 10.85
C ILE D 154 29.30 0.75 11.70
N GLN D 155 30.24 1.29 12.47
CA GLN D 155 29.97 2.45 13.32
C GLN D 155 29.88 3.70 12.44
N SER D 156 30.53 3.63 11.30
CA SER D 156 30.49 4.69 10.30
C SER D 156 29.09 4.79 9.71
N LEU D 157 28.32 3.71 9.84
CA LEU D 157 26.96 3.67 9.30
C LEU D 157 25.93 3.99 10.38
N TYR D 158 26.16 3.43 11.55
CA TYR D 158 25.21 3.53 12.63
C TYR D 158 25.76 4.46 13.70
N GLY D 159 25.13 5.63 13.78
CA GLY D 159 25.65 6.73 14.56
C GLY D 159 25.62 8.02 13.75
C2 V24 E . -18.29 17.92 -11.31
C4 V24 E . -18.06 17.80 -13.71
C5 V24 E . -16.73 17.47 -13.55
C6 V24 E . -16.18 17.35 -12.26
C7 V24 E . -16.41 17.47 -9.82
C8 V24 E . -17.26 17.35 -8.76
C9 V24 E . -16.65 17.20 -7.54
C11 V24 E . -14.47 17.22 -8.47
C12 V24 E . -15.04 17.38 -9.69
O14 V24 E . -15.50 15.99 -5.42
C17 V24 E . -14.01 19.34 -5.01
C18 V24 E . -14.57 20.44 -5.82
C21 V24 E . -13.53 19.94 -3.68
C22 V24 E . -13.23 18.92 -2.63
C24 V24 E . -15.84 18.15 -3.85
C25 V24 E . -16.20 17.02 -2.86
O52 V24 E . -20.54 14.04 0.29
C50 V24 E . -19.60 14.78 0.13
C51 V24 E . -19.92 16.17 0.07
N49 V24 E . -18.31 14.52 0.03
C35 V24 E . -17.86 13.44 -0.77
C34 V24 E . -17.92 12.09 -0.06
O42 V24 E . -19.32 11.83 0.04
C43 V24 E . -19.85 10.66 0.67
O45 V24 E . -19.12 10.09 1.41
C44 V24 E . -21.25 10.21 0.36
C33 V24 E . -17.10 10.97 -0.74
O41 V24 E . -16.13 10.47 0.18
C46 V24 E . -16.23 9.04 0.37
O48 V24 E . -17.27 8.51 0.65
C47 V24 E . -15.01 8.24 0.17
C32 V24 E . -16.55 11.33 -2.14
C36 V24 E . -17.51 10.71 -3.18
O37 V24 E . -17.38 10.92 -4.60
C38 V24 E . -16.69 10.01 -5.53
O40 V24 E . -16.18 10.44 -6.53
C39 V24 E . -16.62 8.56 -5.18
O31 V24 E . -16.35 12.76 -2.34
C30 V24 E . -16.47 13.68 -1.26
N28 V24 E . -16.46 15.08 -1.75
N27 V24 E . -17.14 16.05 -1.03
N26 V24 E . -16.97 17.24 -1.77
C29 V24 E . -15.89 15.66 -2.81
N16 V24 E . -14.80 18.11 -4.92
C23 V24 E . -12.28 20.80 -3.85
O20 V24 E . -15.36 21.20 -5.28
O19 V24 E . -14.17 20.52 -6.97
S13 V24 E . -14.66 16.97 -5.92
O15 V24 E . -13.46 16.36 -5.98
C10 V24 E . -15.28 17.17 -7.37
C1 V24 E . -16.98 17.60 -11.16
C3 V24 E . -18.84 18.00 -12.58
ZN ZN F . -16.16 21.96 -7.04
ZN ZN G . -3.51 20.38 -4.10
CA CA H . -0.96 30.28 -9.56
CA CA I . -3.92 7.83 -12.25
CA CA J . -9.32 10.84 -4.71
C1 PGO K . -12.25 16.50 -25.67
C2 PGO K . -12.05 15.07 -25.17
C3 PGO K . -13.39 14.36 -25.03
O1 PGO K . -13.02 17.27 -24.74
O2 PGO K . -11.32 15.03 -23.92
C2 V24 L . -0.76 11.08 20.57
C4 V24 L . -0.99 11.74 18.31
C5 V24 L . -2.28 12.17 18.50
C6 V24 L . -2.81 12.01 19.73
C7 V24 L . -2.63 11.33 22.04
C8 V24 L . -1.76 11.63 23.05
C9 V24 L . -2.23 11.54 24.31
C11 V24 L . -4.41 10.93 23.49
C12 V24 L . -3.95 10.98 22.20
O14 V24 L . -3.17 11.88 26.80
C17 V24 L . -4.96 8.78 25.95
C18 V24 L . -4.43 7.93 24.85
C21 V24 L . -5.55 7.97 27.10
C22 V24 L . -6.54 8.72 27.94
C24 V24 L . -2.84 9.12 27.25
C25 V24 L . -2.68 9.55 28.69
O52 V24 L . 2.69 11.63 32.69
C50 V24 L . 1.76 12.23 32.20
C51 V24 L . 1.89 13.70 31.87
N49 V24 L . 0.60 11.62 31.93
C35 V24 L . -0.62 12.39 31.81
C34 V24 L . -0.96 13.07 33.12
O42 V24 L . -0.01 12.98 34.15
C43 V24 L . -0.66 12.78 35.45
O45 V24 L . -1.07 13.76 36.02
C44 V24 L . -0.79 11.42 36.05
C33 V24 L . -1.37 14.46 32.76
O41 V24 L . -1.48 15.21 33.98
C46 V24 L . -1.01 16.56 33.80
O48 V24 L . -1.76 17.48 34.02
C47 V24 L . 0.39 16.76 33.34
C32 V24 L . -2.70 14.27 31.99
C36 V24 L . -3.17 15.56 31.32
O37 V24 L . -2.14 16.52 31.20
C38 V24 L . -2.44 17.84 30.75
O40 V24 L . -2.22 18.04 29.57
C39 V24 L . -2.97 18.90 31.70
O31 V24 L . -2.68 13.14 31.06
C30 V24 L . -2.05 11.92 31.49
N28 V24 L . -2.29 10.82 30.48
N27 V24 L . -2.51 9.52 30.92
N26 V24 L . -2.71 8.76 29.76
C29 V24 L . -2.41 10.79 29.16
N16 V24 L . -3.94 9.70 26.43
C23 V24 L . -6.26 6.71 26.67
O20 V24 L . -3.59 7.08 25.10
O19 V24 L . -4.95 8.14 23.74
S13 V24 L . -4.03 11.14 26.00
O15 V24 L . -5.32 11.64 26.14
C10 V24 L . -3.55 11.21 24.52
C1 V24 L . -2.06 11.45 20.73
C3 V24 L . -0.22 11.22 19.33
ZN ZN M . -2.80 6.35 23.45
ZN ZN N . -15.35 7.57 26.64
CA CA O . -17.84 -1.22 19.22
CA CA P . -14.85 21.39 21.12
CA CA Q . -9.65 17.21 28.05
C2 V24 R . -14.37 -20.62 -6.64
C4 V24 R . -14.31 -21.01 -9.02
C5 V24 R . -13.07 -21.63 -8.89
C6 V24 R . -12.50 -21.74 -7.64
C7 V24 R . -12.49 -21.38 -5.20
C8 V24 R . -13.22 -21.97 -4.18
C9 V24 R . -12.66 -22.15 -2.94
C11 V24 R . -10.63 -21.15 -3.72
C12 V24 R . -11.19 -20.95 -4.97
O14 V24 R . -9.40 -22.30 -1.28
C17 V24 R . -10.07 -19.60 -0.77
C18 V24 R . -10.43 -18.41 -1.61
C21 V24 R . -9.18 -19.32 0.45
C22 V24 R . -8.22 -20.47 0.73
C24 V24 R . -12.41 -20.51 -0.01
C25 V24 R . -12.23 -20.22 1.44
O52 V24 R . -15.04 -17.01 4.84
C50 V24 R . -14.32 -17.14 3.87
C51 V24 R . -14.78 -17.86 2.63
N49 V24 R . -13.09 -16.64 3.86
C35 V24 R . -12.03 -17.16 4.71
C34 V24 R . -11.20 -16.05 5.32
O42 V24 R . -11.92 -14.91 5.76
C43 V24 R . -11.61 -13.86 4.80
O45 V24 R . -12.55 -13.27 4.30
C44 V24 R . -10.19 -13.53 4.45
C33 V24 R . -10.26 -16.72 6.32
O41 V24 R . -9.79 -16.02 7.46
C46 V24 R . -9.42 -16.99 8.48
O48 V24 R . -8.39 -16.92 9.05
C47 V24 R . -10.40 -18.05 8.84
C32 V24 R . -9.23 -17.13 5.28
C36 V24 R . -7.76 -17.24 5.72
O37 V24 R . -7.62 -18.13 6.82
C38 V24 R . -6.89 -19.33 6.59
O40 V24 R . -5.70 -19.40 6.88
C39 V24 R . -7.66 -20.44 6.00
O31 V24 R . -9.82 -18.29 4.65
C30 V24 R . -11.00 -17.94 3.88
N28 V24 R . -11.59 -19.04 3.10
N27 V24 R . -12.12 -20.20 3.65
N26 V24 R . -12.52 -20.95 2.54
C29 V24 R . -11.66 -19.05 1.81
N16 V24 R . -11.07 -20.66 -0.63
C23 V24 R . -8.42 -18.02 0.37
O20 V24 R . -11.50 -17.90 -1.31
O19 V24 R . -9.66 -17.99 -2.51
S13 V24 R . -10.78 -21.98 -1.26
O15 V24 R . -11.53 -23.00 -0.59
C10 V24 R . -11.36 -21.76 -2.72
C1 V24 R . -13.14 -21.23 -6.52
C3 V24 R . -14.96 -20.52 -7.89
ZN ZN S . -11.93 -16.55 -2.65
ZN ZN T . 0.50 -18.56 0.56
CA CA U . 3.00 -8.51 -5.02
CA CA V . 0.16 -31.28 -7.51
CA CA W . -5.29 -28.25 -0.04
C1 EDO X . -1.55 -0.69 -3.61
O1 EDO X . -1.30 0.57 -2.97
C2 EDO X . -0.70 -0.77 -4.87
O2 EDO X . 0.62 -1.21 -4.54
C2 V24 Y . 34.00 -14.07 4.03
C4 V24 Y . 34.21 -14.70 6.35
C5 V24 Y . 33.17 -15.60 6.20
C6 V24 Y . 32.54 -15.73 4.97
C7 V24 Y . 32.30 -15.12 2.57
C8 V24 Y . 33.03 -14.86 1.43
C9 V24 Y . 32.43 -15.01 0.19
C11 V24 Y . 30.39 -15.68 1.23
C12 V24 Y . 30.98 -15.53 2.48
O14 V24 Y . 31.26 -16.53 -2.01
C17 V24 Y . 29.24 -13.35 -1.87
C18 V24 Y . 29.44 -12.38 -0.75
C21 V24 Y . 28.68 -12.66 -3.13
C22 V24 Y . 28.16 -13.65 -4.17
C24 V24 Y . 31.43 -13.55 -2.93
C25 V24 Y . 32.02 -14.23 -4.16
O52 V24 Y . 30.55 -19.06 -8.38
C50 V24 Y . 31.52 -18.37 -8.55
C51 V24 Y . 31.72 -17.56 -9.81
N49 V24 Y . 32.47 -18.34 -7.63
C35 V24 Y . 33.48 -17.33 -7.40
C34 V24 Y . 34.83 -17.90 -7.87
O42 V24 Y . 35.86 -16.93 -7.85
C43 V24 Y . 37.12 -17.42 -8.39
O45 V24 Y . 37.09 -18.03 -9.45
C44 V24 Y . 38.40 -17.16 -7.65
C33 V24 Y . 35.21 -19.08 -6.99
O41 V24 Y . 34.33 -20.08 -7.48
C46 V24 Y . 34.92 -21.33 -7.88
O48 V24 Y . 35.64 -21.90 -7.09
C47 V24 Y . 34.57 -21.88 -9.23
C32 V24 Y . 34.93 -18.88 -5.49
C36 V24 Y . 36.00 -19.41 -4.54
O37 V24 Y . 37.03 -18.45 -4.28
C38 V24 Y . 38.03 -18.74 -3.25
O40 V24 Y . 37.63 -18.93 -2.13
C39 V24 Y . 39.48 -18.79 -3.61
O31 V24 Y . 34.67 -17.50 -5.22
C30 V24 Y . 33.45 -17.13 -5.88
N28 V24 Y . 32.92 -15.82 -5.40
N27 V24 Y . 32.85 -14.69 -6.21
N26 V24 Y . 32.27 -13.70 -5.39
C29 V24 Y . 32.44 -15.55 -4.21
N16 V24 Y . 30.39 -14.21 -2.10
C23 V24 Y . 27.55 -11.69 -2.79
O20 V24 Y . 29.79 -11.21 -1.00
O19 V24 Y . 29.21 -12.79 0.40
S13 V24 Y . 30.47 -15.57 -1.38
O15 V24 Y . 29.21 -16.17 -1.31
C10 V24 Y . 31.11 -15.41 0.08
C1 V24 Y . 32.96 -14.97 3.89
C3 V24 Y . 34.63 -13.94 5.27
ZN ZN Z . 30.55 -10.40 0.72
ZN ZN AA . 18.97 -15.29 -2.97
CA CA BA . 13.79 -7.91 4.22
CA CA CA . 23.47 -28.58 2.69
CA CA DA . 27.47 -22.64 -4.10
S DMS EA . 24.13 -9.50 -4.38
O DMS EA . 24.65 -9.63 -3.01
C1 DMS EA . 23.13 -10.94 -4.84
C2 DMS EA . 22.92 -8.17 -4.51
C1 PGO FA . 29.24 -20.09 17.21
C2 PGO FA . 29.01 -21.54 16.79
C3 PGO FA . 30.32 -22.32 16.80
O1 PGO FA . 28.90 -20.01 18.60
O2 PGO FA . 28.37 -21.59 15.49
#